data_1EF8
#
_entry.id   1EF8
#
_cell.length_a   130.3
_cell.length_b   115.4
_cell.length_c   80.3
_cell.angle_alpha   90.0
_cell.angle_beta   127.8
_cell.angle_gamma   90.0
#
_symmetry.space_group_name_H-M   'C 1 2 1'
#
loop_
_entity.id
_entity.type
_entity.pdbx_description
1 polymer 'METHYLMALONYL COA DECARBOXYLASE'
2 non-polymer 'NICKEL (II) ION'
3 water water
#
_entity_poly.entity_id   1
_entity_poly.type   'polypeptide(L)'
_entity_poly.pdbx_seq_one_letter_code
;MSYQYVNVVTINKVAVIEFNYGRKLNALSKVFIDDLMQALSDLNRPEIRCIILRAPSGSKVFSAGHDIHELPSGGRDPLS
YDDPLRQITRMIQKFPKPIISMVEGSVWGGAFEMIMSSDLIIAASTSTFSMTPVNLGVPYNLVGIHNLTRDAGFHIVKEL
IFTASPITAQRALAVGILNHVVEVEELEDFTLQMAHHISEKAPLAIAVIKEELRVLGEAHTMNSDEFERIQGMRRAVYDS
EDYQEGMNAFLEKRKPNFVGH
;
_entity_poly.pdbx_strand_id   A,B,C
#
loop_
_chem_comp.id
_chem_comp.type
_chem_comp.name
_chem_comp.formula
NI non-polymer 'NICKEL (II) ION' 'Ni 2'
#
# COMPACT_ATOMS: atom_id res chain seq x y z
N MET A 1 32.05 9.16 -21.53
CA MET A 1 31.32 9.96 -22.51
C MET A 1 30.45 9.13 -23.49
N SER A 2 30.97 7.97 -23.95
CA SER A 2 30.24 7.08 -24.88
C SER A 2 30.17 5.63 -24.33
N TYR A 3 29.15 4.86 -24.76
CA TYR A 3 28.97 3.47 -24.28
C TYR A 3 28.57 2.59 -25.39
N GLN A 4 28.91 1.33 -25.31
CA GLN A 4 28.52 0.46 -26.40
C GLN A 4 27.02 0.18 -26.41
N TYR A 5 26.45 -0.02 -25.23
CA TYR A 5 25.05 -0.40 -25.08
C TYR A 5 23.95 0.58 -24.62
N VAL A 6 24.26 1.81 -24.52
CA VAL A 6 23.32 2.84 -24.17
C VAL A 6 23.81 4.13 -24.83
N ASN A 7 22.88 5.02 -25.10
CA ASN A 7 23.19 6.32 -25.68
C ASN A 7 22.69 7.37 -24.68
N VAL A 8 23.50 8.34 -24.34
CA VAL A 8 23.06 9.33 -23.38
C VAL A 8 23.04 10.72 -23.94
N VAL A 9 22.06 11.50 -23.52
CA VAL A 9 21.95 12.88 -23.92
C VAL A 9 21.61 13.71 -22.71
N THR A 10 22.07 14.92 -22.74
CA THR A 10 21.79 15.82 -21.66
C THR A 10 21.03 17.00 -22.21
N ILE A 11 19.94 17.33 -21.57
CA ILE A 11 19.10 18.46 -21.96
C ILE A 11 18.95 19.35 -20.72
N ASN A 12 19.72 20.43 -20.68
CA ASN A 12 19.73 21.33 -19.54
C ASN A 12 20.22 20.54 -18.34
N LYS A 13 19.34 20.29 -17.36
CA LYS A 13 19.78 19.51 -16.19
C LYS A 13 19.27 18.11 -16.20
N VAL A 14 18.63 17.71 -17.27
CA VAL A 14 18.10 16.35 -17.32
C VAL A 14 18.94 15.49 -18.24
N ALA A 15 19.14 14.25 -17.85
CA ALA A 15 19.92 13.30 -18.66
C ALA A 15 19.04 12.15 -19.10
N VAL A 16 19.13 11.81 -20.38
CA VAL A 16 18.35 10.67 -20.87
C VAL A 16 19.24 9.53 -21.25
N ILE A 17 18.96 8.40 -20.64
CA ILE A 17 19.71 7.18 -20.94
C ILE A 17 18.84 6.24 -21.76
N GLU A 18 19.21 6.15 -23.03
CA GLU A 18 18.47 5.30 -23.99
C GLU A 18 19.15 4.00 -24.27
N PHE A 19 18.41 2.93 -24.19
CA PHE A 19 19.00 1.65 -24.40
C PHE A 19 19.50 1.53 -25.83
N ASN A 20 20.54 0.75 -26.00
CA ASN A 20 21.08 0.47 -27.34
C ASN A 20 21.45 -1.00 -27.35
N TYR A 21 20.40 -1.84 -27.19
CA TYR A 21 20.57 -3.29 -27.11
C TYR A 21 19.44 -4.03 -27.77
N GLY A 22 18.96 -3.48 -28.87
CA GLY A 22 17.83 -3.99 -29.63
C GLY A 22 17.84 -5.42 -30.13
N ARG A 23 19.00 -5.95 -30.49
CA ARG A 23 18.98 -7.32 -31.00
C ARG A 23 18.37 -8.30 -30.03
N LYS A 24 18.67 -8.08 -28.76
CA LYS A 24 18.18 -8.93 -27.72
C LYS A 24 16.95 -8.38 -27.13
N LEU A 25 16.35 -7.42 -27.79
CA LEU A 25 15.16 -6.85 -27.25
C LEU A 25 15.42 -6.25 -25.87
N ASN A 26 16.60 -5.65 -25.70
CA ASN A 26 16.98 -5.03 -24.43
C ASN A 26 16.98 -5.96 -23.23
N ALA A 27 17.27 -7.26 -23.45
CA ALA A 27 17.30 -8.20 -22.35
C ALA A 27 18.36 -7.72 -21.42
N LEU A 28 18.21 -7.99 -20.13
CA LEU A 28 19.17 -7.53 -19.13
C LEU A 28 20.51 -8.24 -19.01
N SER A 29 21.26 -8.25 -20.09
CA SER A 29 22.59 -8.90 -20.11
C SER A 29 23.59 -8.15 -19.29
N LYS A 30 24.60 -8.86 -18.80
CA LYS A 30 25.62 -8.21 -18.02
C LYS A 30 26.25 -6.99 -18.70
N VAL A 31 26.71 -7.16 -19.96
CA VAL A 31 27.34 -6.05 -20.70
C VAL A 31 26.43 -4.87 -20.82
N PHE A 32 25.15 -5.16 -20.98
CA PHE A 32 24.15 -4.11 -21.11
C PHE A 32 23.99 -3.38 -19.78
N ILE A 33 23.73 -4.16 -18.74
CA ILE A 33 23.56 -3.59 -17.41
C ILE A 33 24.80 -2.83 -16.97
N ASP A 34 25.97 -3.37 -17.29
CA ASP A 34 27.20 -2.71 -16.90
C ASP A 34 27.29 -1.28 -17.52
N ASP A 35 26.88 -1.17 -18.80
CA ASP A 35 26.91 0.14 -19.46
C ASP A 35 25.90 1.09 -18.82
N LEU A 36 24.71 0.57 -18.48
CA LEU A 36 23.68 1.40 -17.86
C LEU A 36 24.23 1.95 -16.55
N MET A 37 24.92 1.05 -15.81
CA MET A 37 25.47 1.45 -14.54
C MET A 37 26.61 2.46 -14.67
N GLN A 38 27.46 2.28 -15.68
CA GLN A 38 28.57 3.21 -15.87
C GLN A 38 28.03 4.60 -16.21
N ALA A 39 27.02 4.58 -17.04
CA ALA A 39 26.38 5.81 -17.47
C ALA A 39 25.83 6.59 -16.32
N LEU A 40 25.12 5.87 -15.43
CA LEU A 40 24.54 6.48 -14.23
C LEU A 40 25.60 7.06 -13.37
N SER A 41 26.63 6.29 -13.18
CA SER A 41 27.73 6.71 -12.39
C SER A 41 28.35 7.97 -12.96
N ASP A 42 28.58 7.95 -14.27
CA ASP A 42 29.18 9.11 -14.94
C ASP A 42 28.32 10.37 -14.79
N LEU A 43 26.97 10.17 -14.63
CA LEU A 43 25.98 11.26 -14.50
C LEU A 43 25.75 11.76 -13.06
N ASN A 44 26.49 11.21 -12.12
CA ASN A 44 26.37 11.59 -10.73
C ASN A 44 27.20 12.84 -10.44
N ARG A 45 26.74 13.93 -11.02
CA ARG A 45 27.36 15.24 -10.90
C ARG A 45 26.29 16.26 -10.48
N PRO A 46 26.74 17.34 -9.80
CA PRO A 46 25.86 18.40 -9.31
C PRO A 46 24.99 18.99 -10.32
N GLU A 47 25.51 19.09 -11.58
CA GLU A 47 24.75 19.69 -12.72
C GLU A 47 23.68 18.83 -13.29
N ILE A 48 23.65 17.56 -12.94
CA ILE A 48 22.63 16.64 -13.45
C ILE A 48 21.64 16.47 -12.32
N ARG A 49 20.34 16.68 -12.61
CA ARG A 49 19.33 16.62 -11.56
C ARG A 49 18.26 15.61 -11.69
N CYS A 50 18.12 15.02 -12.82
CA CYS A 50 17.06 14.05 -13.00
C CYS A 50 17.41 13.21 -14.15
N ILE A 51 17.13 11.94 -14.01
CA ILE A 51 17.43 10.99 -15.07
C ILE A 51 16.19 10.38 -15.67
N ILE A 52 16.24 10.10 -16.96
CA ILE A 52 15.11 9.43 -17.58
C ILE A 52 15.64 8.17 -18.24
N LEU A 53 15.02 7.02 -18.02
CA LEU A 53 15.45 5.77 -18.67
C LEU A 53 14.44 5.47 -19.76
N ARG A 54 14.91 5.10 -20.98
CA ARG A 54 13.95 4.80 -22.02
C ARG A 54 14.51 3.84 -23.05
N ALA A 55 13.61 3.28 -23.85
CA ALA A 55 13.96 2.40 -24.94
C ALA A 55 13.85 3.31 -26.17
N PRO A 56 14.51 2.97 -27.26
CA PRO A 56 14.43 3.81 -28.45
C PRO A 56 12.99 4.09 -28.90
N SER A 57 12.80 5.30 -29.42
CA SER A 57 11.51 5.71 -29.90
C SER A 57 10.94 4.67 -30.84
N GLY A 58 9.66 4.32 -30.65
CA GLY A 58 8.98 3.33 -31.48
C GLY A 58 9.21 1.88 -31.07
N SER A 59 9.94 1.64 -29.99
CA SER A 59 10.20 0.24 -29.59
C SER A 59 8.94 -0.57 -29.32
N LYS A 60 8.91 -1.78 -29.86
CA LYS A 60 7.78 -2.70 -29.66
C LYS A 60 7.91 -3.37 -28.25
N VAL A 61 9.15 -3.72 -27.91
CA VAL A 61 9.49 -4.31 -26.65
C VAL A 61 10.37 -3.35 -25.87
N PHE A 62 9.89 -2.92 -24.70
CA PHE A 62 10.68 -2.03 -23.89
C PHE A 62 11.91 -2.84 -23.39
N SER A 63 11.64 -4.03 -22.84
CA SER A 63 12.71 -4.89 -22.38
C SER A 63 12.21 -6.29 -22.16
N ALA A 64 12.93 -7.27 -22.71
CA ALA A 64 12.54 -8.66 -22.56
C ALA A 64 12.81 -9.20 -21.17
N GLY A 65 13.55 -8.44 -20.35
CA GLY A 65 13.82 -8.92 -19.00
C GLY A 65 15.16 -9.72 -18.87
N HIS A 66 15.18 -10.69 -17.96
CA HIS A 66 16.39 -11.46 -17.77
C HIS A 66 16.81 -12.11 -19.06
N ASP A 67 18.12 -12.21 -19.20
CA ASP A 67 18.73 -12.85 -20.32
C ASP A 67 18.95 -14.29 -19.91
N ILE A 68 18.05 -15.13 -20.33
CA ILE A 68 18.12 -16.53 -19.99
C ILE A 68 19.39 -17.21 -20.47
N HIS A 69 19.68 -17.00 -21.74
CA HIS A 69 20.84 -17.58 -22.38
C HIS A 69 22.10 -17.49 -21.51
N GLU A 70 22.23 -16.34 -20.85
CA GLU A 70 23.34 -16.00 -19.97
C GLU A 70 23.38 -16.80 -18.68
N LEU A 71 22.31 -17.50 -18.36
CA LEU A 71 22.30 -18.27 -17.14
C LEU A 71 23.34 -19.41 -17.17
N ASP A 77 22.45 -20.02 -8.41
CA ASP A 77 21.43 -19.02 -8.17
C ASP A 77 21.66 -17.81 -9.03
N PRO A 78 20.77 -17.66 -9.99
CA PRO A 78 20.83 -16.56 -10.96
C PRO A 78 20.46 -15.22 -10.35
N LEU A 79 19.93 -15.22 -9.15
CA LEU A 79 19.52 -13.94 -8.54
C LEU A 79 20.29 -13.60 -7.30
N SER A 80 21.59 -13.94 -7.36
CA SER A 80 22.51 -13.68 -6.27
C SER A 80 22.83 -12.20 -6.18
N TYR A 81 23.35 -11.80 -5.05
CA TYR A 81 23.68 -10.41 -4.76
C TYR A 81 24.35 -9.63 -5.86
N ASP A 82 25.29 -10.25 -6.49
CA ASP A 82 26.02 -9.58 -7.50
C ASP A 82 25.58 -9.74 -8.91
N ASP A 83 24.40 -10.33 -9.12
CA ASP A 83 23.88 -10.47 -10.46
C ASP A 83 23.44 -9.10 -10.99
N PRO A 84 23.58 -8.92 -12.27
CA PRO A 84 23.25 -7.68 -12.91
C PRO A 84 21.96 -7.03 -12.46
N LEU A 85 20.83 -7.75 -12.59
CA LEU A 85 19.54 -7.18 -12.18
C LEU A 85 19.57 -6.73 -10.71
N ARG A 86 20.27 -7.51 -9.90
CA ARG A 86 20.37 -7.18 -8.49
C ARG A 86 21.16 -5.91 -8.30
N GLN A 87 22.24 -5.80 -9.06
CA GLN A 87 23.07 -4.64 -8.95
C GLN A 87 22.39 -3.35 -9.43
N ILE A 88 21.69 -3.45 -10.54
CA ILE A 88 21.05 -2.25 -11.07
C ILE A 88 19.94 -1.67 -10.22
N THR A 89 19.06 -2.55 -9.69
CA THR A 89 17.95 -2.13 -8.84
C THR A 89 18.51 -1.42 -7.64
N ARG A 90 19.59 -1.98 -7.12
CA ARG A 90 20.25 -1.39 -5.96
C ARG A 90 20.78 0.01 -6.30
N MET A 91 21.45 0.09 -7.40
CA MET A 91 22.02 1.35 -7.79
C MET A 91 20.96 2.40 -8.05
N ILE A 92 19.94 2.02 -8.81
CA ILE A 92 18.88 2.95 -9.09
C ILE A 92 18.26 3.50 -7.80
N GLN A 93 17.99 2.59 -6.86
CA GLN A 93 17.38 2.97 -5.60
C GLN A 93 18.22 3.89 -4.72
N LYS A 94 19.52 3.70 -4.80
CA LYS A 94 20.46 4.48 -4.01
C LYS A 94 20.95 5.72 -4.72
N PHE A 95 20.66 5.87 -6.00
CA PHE A 95 21.09 7.04 -6.80
C PHE A 95 20.47 8.34 -6.26
N PRO A 96 21.30 9.34 -5.93
CA PRO A 96 20.78 10.57 -5.34
C PRO A 96 19.97 11.48 -6.22
N LYS A 97 19.64 11.06 -7.42
CA LYS A 97 18.81 11.88 -8.28
C LYS A 97 17.61 11.06 -8.62
N PRO A 98 16.49 11.69 -8.87
CA PRO A 98 15.33 10.92 -9.23
C PRO A 98 15.55 10.28 -10.55
N ILE A 99 15.00 9.10 -10.68
CA ILE A 99 15.08 8.31 -11.90
C ILE A 99 13.69 7.92 -12.37
N ILE A 100 13.33 8.41 -13.55
CA ILE A 100 12.05 8.15 -14.14
C ILE A 100 12.13 7.15 -15.28
N SER A 101 11.30 6.11 -15.22
CA SER A 101 11.27 5.12 -16.29
C SER A 101 10.23 5.61 -17.30
N MET A 102 10.65 5.85 -18.54
CA MET A 102 9.74 6.34 -19.59
C MET A 102 9.53 5.19 -20.51
N VAL A 103 8.37 4.57 -20.36
CA VAL A 103 8.00 3.37 -21.06
C VAL A 103 7.15 3.40 -22.29
N GLU A 104 7.73 2.80 -23.34
CA GLU A 104 7.14 2.58 -24.65
C GLU A 104 7.38 1.09 -24.98
N GLY A 105 6.34 0.33 -25.30
CA GLY A 105 6.55 -1.11 -25.60
C GLY A 105 6.17 -2.02 -24.40
N SER A 106 6.34 -3.33 -24.57
CA SER A 106 6.01 -4.31 -23.53
C SER A 106 7.14 -4.52 -22.58
N VAL A 107 6.80 -4.62 -21.26
CA VAL A 107 7.79 -4.84 -20.17
C VAL A 107 7.67 -6.25 -19.62
N TRP A 108 8.81 -6.95 -19.49
CA TRP A 108 8.77 -8.31 -19.02
C TRP A 108 9.70 -8.64 -17.88
N GLY A 109 9.14 -9.43 -16.95
CA GLY A 109 9.83 -9.96 -15.79
C GLY A 109 10.84 -9.06 -15.14
N GLY A 110 12.10 -9.44 -15.26
CA GLY A 110 13.19 -8.65 -14.67
C GLY A 110 13.09 -7.15 -14.99
N ALA A 111 12.68 -6.83 -16.22
CA ALA A 111 12.55 -5.42 -16.64
C ALA A 111 11.43 -4.78 -15.88
N PHE A 112 10.45 -5.58 -15.52
CA PHE A 112 9.34 -5.06 -14.76
C PHE A 112 9.87 -4.69 -13.36
N GLU A 113 10.67 -5.57 -12.80
CA GLU A 113 11.23 -5.26 -11.47
C GLU A 113 12.11 -4.02 -11.57
N MET A 114 12.87 -3.94 -12.67
CA MET A 114 13.75 -2.80 -12.88
C MET A 114 12.99 -1.48 -12.85
N ILE A 115 11.93 -1.38 -13.66
CA ILE A 115 11.18 -0.12 -13.64
C ILE A 115 10.47 0.12 -12.32
N MET A 116 10.05 -0.96 -11.62
CA MET A 116 9.38 -0.73 -10.30
C MET A 116 10.35 -0.12 -9.32
N SER A 117 11.63 -0.49 -9.47
CA SER A 117 12.66 0.03 -8.55
C SER A 117 12.94 1.54 -8.75
N SER A 118 12.55 2.06 -9.89
CA SER A 118 12.76 3.47 -10.20
C SER A 118 11.76 4.32 -9.42
N ASP A 119 11.95 5.64 -9.46
CA ASP A 119 11.13 6.56 -8.72
C ASP A 119 9.74 6.89 -9.27
N LEU A 120 9.63 7.01 -10.57
CA LEU A 120 8.39 7.32 -11.24
C LEU A 120 8.35 6.53 -12.51
N ILE A 121 7.15 6.21 -12.98
CA ILE A 121 6.97 5.48 -14.24
C ILE A 121 5.94 6.20 -15.07
N ILE A 122 6.35 6.64 -16.26
CA ILE A 122 5.46 7.34 -17.20
C ILE A 122 5.42 6.48 -18.43
N ALA A 123 4.22 6.12 -18.88
CA ALA A 123 4.14 5.20 -20.00
C ALA A 123 3.11 5.54 -21.07
N ALA A 124 3.32 4.94 -22.26
CA ALA A 124 2.44 5.11 -23.43
C ALA A 124 1.20 4.31 -23.23
N SER A 125 0.08 4.79 -23.73
CA SER A 125 -1.17 4.12 -23.56
C SER A 125 -1.20 2.71 -24.11
N THR A 126 -0.23 2.37 -24.98
CA THR A 126 -0.15 1.05 -25.61
C THR A 126 0.85 0.11 -24.94
N SER A 127 1.58 0.61 -23.95
CA SER A 127 2.56 -0.24 -23.27
C SER A 127 1.87 -1.34 -22.44
N THR A 128 2.59 -2.39 -22.15
CA THR A 128 2.02 -3.48 -21.37
C THR A 128 3.03 -3.99 -20.38
N PHE A 129 2.51 -4.62 -19.31
CA PHE A 129 3.32 -5.11 -18.22
C PHE A 129 3.08 -6.54 -17.75
N SER A 130 4.17 -7.28 -17.58
CA SER A 130 4.03 -8.65 -17.13
C SER A 130 5.20 -9.13 -16.21
N MET A 131 4.84 -9.87 -15.11
CA MET A 131 5.84 -10.44 -14.16
C MET A 131 5.77 -11.92 -14.43
N THR A 132 6.90 -12.47 -14.92
CA THR A 132 6.95 -13.87 -15.37
C THR A 132 7.79 -15.00 -14.72
N PRO A 133 8.36 -14.84 -13.51
CA PRO A 133 9.15 -15.95 -12.97
C PRO A 133 8.42 -17.30 -12.96
N VAL A 134 7.09 -17.28 -12.82
CA VAL A 134 6.32 -18.55 -12.78
C VAL A 134 6.26 -19.32 -14.10
N ASN A 135 6.56 -18.63 -15.17
CA ASN A 135 6.58 -19.21 -16.51
C ASN A 135 7.79 -20.19 -16.70
N LEU A 136 8.90 -19.86 -16.01
CA LEU A 136 10.14 -20.61 -16.04
C LEU A 136 10.40 -21.42 -14.79
N GLY A 137 9.59 -21.23 -13.78
CA GLY A 137 9.77 -21.97 -12.53
C GLY A 137 10.91 -21.44 -11.66
N VAL A 138 11.19 -20.14 -11.76
CA VAL A 138 12.28 -19.51 -10.99
C VAL A 138 11.89 -19.10 -9.56
N PRO A 139 12.72 -19.43 -8.58
CA PRO A 139 12.38 -19.04 -7.23
C PRO A 139 12.92 -17.62 -7.02
N TYR A 140 12.15 -16.62 -7.37
CA TYR A 140 12.59 -15.23 -7.21
C TYR A 140 13.09 -14.95 -5.79
N ASN A 141 14.05 -14.03 -5.65
CA ASN A 141 14.61 -13.71 -4.31
C ASN A 141 13.76 -12.75 -3.51
N LEU A 142 13.96 -12.78 -2.19
CA LEU A 142 13.22 -11.92 -1.28
C LEU A 142 13.28 -10.43 -1.64
N VAL A 143 14.50 -9.90 -1.85
CA VAL A 143 14.65 -8.46 -2.19
C VAL A 143 13.86 -8.13 -3.47
N GLY A 144 13.96 -9.04 -4.43
CA GLY A 144 13.31 -8.88 -5.70
C GLY A 144 11.84 -8.76 -5.57
N ILE A 145 11.28 -9.65 -4.78
CA ILE A 145 9.84 -9.67 -4.55
C ILE A 145 9.43 -8.41 -3.78
N HIS A 146 10.22 -8.08 -2.77
CA HIS A 146 9.99 -6.91 -1.95
C HIS A 146 9.82 -5.65 -2.78
N ASN A 147 10.65 -5.53 -3.80
CA ASN A 147 10.64 -4.40 -4.73
C ASN A 147 9.33 -4.26 -5.52
N LEU A 148 8.53 -5.32 -5.55
CA LEU A 148 7.26 -5.27 -6.29
C LEU A 148 6.05 -5.01 -5.41
N THR A 149 6.26 -4.77 -4.14
CA THR A 149 5.12 -4.60 -3.21
C THR A 149 4.88 -3.20 -2.67
N ARG A 150 5.50 -2.18 -3.22
CA ARG A 150 5.32 -0.84 -2.66
C ARG A 150 4.38 0.07 -3.38
N ASP A 151 3.72 -0.45 -4.39
CA ASP A 151 2.85 0.40 -5.17
C ASP A 151 1.42 -0.11 -5.26
N ALA A 152 1.23 -1.33 -5.75
CA ALA A 152 -0.10 -1.93 -5.84
C ALA A 152 -0.26 -2.82 -4.60
N GLY A 153 -1.50 -3.12 -4.24
CA GLY A 153 -1.75 -3.97 -3.07
C GLY A 153 -1.37 -5.45 -3.26
N PHE A 154 -1.40 -6.19 -2.13
CA PHE A 154 -1.09 -7.61 -2.08
C PHE A 154 -1.82 -8.47 -3.07
N HIS A 155 -3.14 -8.41 -3.02
CA HIS A 155 -3.93 -9.24 -3.94
C HIS A 155 -3.55 -9.00 -5.40
N ILE A 156 -3.41 -7.74 -5.74
CA ILE A 156 -3.06 -7.40 -7.10
C ILE A 156 -1.70 -7.99 -7.48
N VAL A 157 -0.71 -7.74 -6.64
CA VAL A 157 0.64 -8.26 -6.91
C VAL A 157 0.59 -9.77 -7.12
N LYS A 158 -0.18 -10.42 -6.24
CA LYS A 158 -0.32 -11.88 -6.33
C LYS A 158 -0.95 -12.34 -7.63
N GLU A 159 -1.94 -11.59 -8.09
CA GLU A 159 -2.54 -11.96 -9.36
C GLU A 159 -1.47 -11.83 -10.49
N LEU A 160 -0.75 -10.71 -10.50
CA LEU A 160 0.30 -10.50 -11.55
C LEU A 160 1.33 -11.61 -11.62
N ILE A 161 1.81 -12.00 -10.46
CA ILE A 161 2.82 -13.00 -10.38
C ILE A 161 2.34 -14.38 -10.64
N PHE A 162 1.22 -14.71 -10.06
CA PHE A 162 0.71 -16.06 -10.23
C PHE A 162 0.21 -16.35 -11.62
N THR A 163 -0.37 -15.34 -12.26
CA THR A 163 -0.89 -15.56 -13.60
C THR A 163 0.14 -15.29 -14.66
N ALA A 164 1.13 -14.42 -14.33
CA ALA A 164 2.17 -14.01 -15.30
C ALA A 164 1.48 -13.35 -16.49
N SER A 165 0.21 -12.95 -16.30
CA SER A 165 -0.53 -12.34 -17.40
C SER A 165 -0.20 -10.88 -17.51
N PRO A 166 -0.30 -10.39 -18.72
CA PRO A 166 -0.01 -9.00 -19.02
C PRO A 166 -1.14 -8.08 -18.66
N ILE A 167 -0.77 -6.88 -18.25
CA ILE A 167 -1.78 -5.90 -17.90
C ILE A 167 -1.56 -4.65 -18.76
N THR A 168 -2.65 -3.98 -19.06
CA THR A 168 -2.58 -2.78 -19.86
C THR A 168 -2.02 -1.66 -19.06
N ALA A 169 -1.72 -0.58 -19.74
CA ALA A 169 -1.20 0.56 -19.08
C ALA A 169 -2.30 1.21 -18.24
N GLN A 170 -3.53 1.13 -18.73
CA GLN A 170 -4.67 1.71 -18.01
C GLN A 170 -4.85 1.02 -16.66
N ARG A 171 -4.71 -0.30 -16.68
CA ARG A 171 -4.84 -1.07 -15.45
C ARG A 171 -3.70 -0.82 -14.53
N ALA A 172 -2.48 -0.75 -15.12
CA ALA A 172 -1.27 -0.49 -14.34
C ALA A 172 -1.41 0.84 -13.64
N LEU A 173 -2.04 1.79 -14.32
CA LEU A 173 -2.27 3.11 -13.74
C LEU A 173 -3.30 2.98 -12.58
N ALA A 174 -4.37 2.27 -12.86
CA ALA A 174 -5.41 2.10 -11.88
C ALA A 174 -4.96 1.45 -10.59
N VAL A 175 -4.10 0.47 -10.66
CA VAL A 175 -3.69 -0.22 -9.45
C VAL A 175 -2.60 0.46 -8.66
N GLY A 176 -2.08 1.56 -9.19
CA GLY A 176 -1.03 2.29 -8.48
C GLY A 176 0.38 2.05 -8.99
N ILE A 177 0.55 1.25 -10.03
CA ILE A 177 1.89 1.01 -10.52
C ILE A 177 2.47 2.21 -11.29
N LEU A 178 1.69 2.76 -12.20
CA LEU A 178 2.10 3.90 -13.03
C LEU A 178 1.74 5.23 -12.45
N ASN A 179 2.52 6.25 -12.80
CA ASN A 179 2.26 7.62 -12.38
C ASN A 179 1.30 8.30 -13.36
N HIS A 180 1.59 8.13 -14.63
CA HIS A 180 0.79 8.72 -15.71
C HIS A 180 0.83 7.88 -16.94
N VAL A 181 -0.23 7.97 -17.71
CA VAL A 181 -0.32 7.26 -18.98
C VAL A 181 -0.62 8.33 -20.04
N VAL A 182 0.08 8.28 -21.14
CA VAL A 182 -0.16 9.28 -22.20
C VAL A 182 -0.07 8.64 -23.55
N GLU A 183 -0.55 9.36 -24.55
CA GLU A 183 -0.51 8.92 -25.92
C GLU A 183 0.98 8.89 -26.34
N VAL A 184 1.38 7.83 -27.04
CA VAL A 184 2.78 7.67 -27.42
C VAL A 184 3.43 8.92 -28.04
N GLU A 185 2.67 9.65 -28.82
CA GLU A 185 3.23 10.84 -29.44
C GLU A 185 3.56 11.96 -28.46
N GLU A 186 3.02 11.90 -27.26
CA GLU A 186 3.29 12.92 -26.26
C GLU A 186 4.20 12.44 -25.16
N LEU A 187 4.52 11.18 -25.16
CA LEU A 187 5.35 10.62 -24.13
C LEU A 187 6.63 11.36 -23.81
N GLU A 188 7.46 11.52 -24.82
CA GLU A 188 8.76 12.19 -24.60
C GLU A 188 8.58 13.58 -24.03
N ASP A 189 7.66 14.31 -24.63
CA ASP A 189 7.41 15.68 -24.23
C ASP A 189 6.87 15.83 -22.84
N PHE A 190 5.92 14.99 -22.53
CA PHE A 190 5.30 14.99 -21.22
C PHE A 190 6.35 14.67 -20.13
N THR A 191 7.10 13.61 -20.35
CA THR A 191 8.12 13.17 -19.41
C THR A 191 9.19 14.22 -19.18
N LEU A 192 9.69 14.82 -20.27
CA LEU A 192 10.73 15.86 -20.14
C LEU A 192 10.23 17.05 -19.34
N GLN A 193 8.98 17.47 -19.60
CA GLN A 193 8.47 18.62 -18.86
C GLN A 193 8.55 18.39 -17.40
N MET A 194 8.10 17.22 -16.99
CA MET A 194 8.15 16.90 -15.59
C MET A 194 9.58 16.85 -15.08
N ALA A 195 10.49 16.24 -15.88
CA ALA A 195 11.86 16.14 -15.46
C ALA A 195 12.51 17.51 -15.24
N HIS A 196 12.23 18.44 -16.19
CA HIS A 196 12.80 19.77 -16.07
C HIS A 196 12.23 20.44 -14.84
N HIS A 197 10.93 20.18 -14.61
CA HIS A 197 10.25 20.77 -13.45
C HIS A 197 10.94 20.36 -12.19
N ILE A 198 11.11 19.08 -12.05
CA ILE A 198 11.77 18.55 -10.84
C ILE A 198 13.19 19.13 -10.70
N SER A 199 13.85 19.30 -11.86
CA SER A 199 15.23 19.81 -11.90
C SER A 199 15.39 21.24 -11.37
N GLU A 200 14.27 21.90 -11.14
CA GLU A 200 14.32 23.24 -10.63
C GLU A 200 14.21 23.21 -9.11
N LYS A 201 13.89 22.01 -8.57
CA LYS A 201 13.75 21.84 -7.11
C LYS A 201 15.11 21.67 -6.39
N ALA A 202 15.07 21.64 -5.04
CA ALA A 202 16.28 21.49 -4.24
C ALA A 202 16.82 20.08 -4.35
N PRO A 203 17.93 19.92 -5.01
CA PRO A 203 18.54 18.59 -5.22
C PRO A 203 18.90 17.84 -3.97
N LEU A 204 19.47 18.57 -3.01
CA LEU A 204 19.92 17.95 -1.76
C LEU A 204 18.77 17.42 -0.90
N ALA A 205 17.64 18.10 -0.96
CA ALA A 205 16.47 17.71 -0.22
C ALA A 205 15.85 16.49 -0.87
N ILE A 206 15.84 16.52 -2.21
CA ILE A 206 15.28 15.41 -2.94
C ILE A 206 16.10 14.15 -2.63
N ALA A 207 17.40 14.33 -2.59
CA ALA A 207 18.29 13.22 -2.31
C ALA A 207 18.04 12.58 -0.96
N VAL A 208 17.92 13.40 0.06
CA VAL A 208 17.70 12.87 1.36
C VAL A 208 16.36 12.20 1.52
N ILE A 209 15.33 12.79 0.93
CA ILE A 209 13.99 12.23 1.04
C ILE A 209 13.92 10.94 0.33
N LYS A 210 14.56 10.91 -0.82
CA LYS A 210 14.57 9.67 -1.59
C LYS A 210 15.21 8.50 -0.77
N GLU A 211 16.31 8.79 -0.12
CA GLU A 211 17.01 7.79 0.66
C GLU A 211 16.22 7.44 1.90
N GLU A 212 15.48 8.42 2.44
CA GLU A 212 14.65 8.15 3.62
C GLU A 212 13.59 7.18 3.18
N LEU A 213 12.99 7.46 2.02
CA LEU A 213 11.97 6.54 1.50
C LEU A 213 12.54 5.13 1.28
N ARG A 214 13.78 5.08 0.76
CA ARG A 214 14.43 3.80 0.49
C ARG A 214 14.63 3.03 1.75
N VAL A 215 15.14 3.68 2.70
CA VAL A 215 15.40 3.03 3.95
C VAL A 215 14.09 2.54 4.62
N LEU A 216 13.06 3.37 4.61
CA LEU A 216 11.80 2.94 5.19
C LEU A 216 11.23 1.77 4.40
N GLY A 217 11.37 1.83 3.13
CA GLY A 217 10.85 0.77 2.23
C GLY A 217 11.51 -0.56 2.43
N GLU A 218 12.74 -0.54 2.86
CA GLU A 218 13.48 -1.79 3.08
C GLU A 218 13.27 -2.38 4.46
N ALA A 219 12.77 -1.54 5.34
CA ALA A 219 12.51 -1.83 6.76
C ALA A 219 11.49 -2.91 7.19
N HIS A 220 11.45 -4.01 6.46
CA HIS A 220 10.60 -5.17 6.80
C HIS A 220 11.64 -6.13 7.28
N THR A 221 11.79 -6.24 8.60
CA THR A 221 12.83 -7.06 9.13
C THR A 221 12.43 -8.40 9.68
N MET A 222 13.40 -9.34 9.66
CA MET A 222 13.19 -10.71 10.15
C MET A 222 14.45 -11.29 10.77
N ASN A 223 14.32 -12.44 11.44
CA ASN A 223 15.48 -13.03 12.08
C ASN A 223 16.23 -13.93 11.10
N SER A 224 17.45 -14.27 11.43
CA SER A 224 18.27 -15.11 10.55
C SER A 224 17.67 -16.47 10.21
N ASP A 225 16.96 -17.07 11.17
CA ASP A 225 16.37 -18.37 10.93
C ASP A 225 15.33 -18.32 9.78
N GLU A 226 14.51 -17.31 9.79
CA GLU A 226 13.50 -17.12 8.76
C GLU A 226 14.16 -16.91 7.38
N PHE A 227 15.19 -16.06 7.35
CA PHE A 227 15.87 -15.85 6.07
C PHE A 227 16.46 -17.22 5.58
N GLU A 228 17.16 -17.95 6.49
CA GLU A 228 17.74 -19.24 6.13
C GLU A 228 16.71 -20.26 5.70
N ARG A 229 15.55 -20.17 6.27
CA ARG A 229 14.47 -21.06 5.94
C ARG A 229 13.95 -20.79 4.52
N ILE A 230 13.79 -19.49 4.18
CA ILE A 230 13.35 -19.11 2.84
C ILE A 230 14.39 -19.56 1.83
N GLN A 231 15.63 -19.32 2.17
CA GLN A 231 16.75 -19.69 1.34
C GLN A 231 16.72 -21.19 1.03
N GLY A 232 16.43 -22.02 2.07
CA GLY A 232 16.34 -23.47 1.88
C GLY A 232 15.24 -23.80 0.87
N MET A 233 14.11 -23.11 1.00
CA MET A 233 13.02 -23.34 0.06
C MET A 233 13.47 -23.00 -1.34
N ARG A 234 14.15 -21.86 -1.46
CA ARG A 234 14.62 -21.43 -2.79
C ARG A 234 15.54 -22.48 -3.44
N ARG A 235 16.44 -23.01 -2.64
CA ARG A 235 17.37 -24.04 -3.10
C ARG A 235 16.64 -25.23 -3.61
N ALA A 236 15.63 -25.65 -2.85
CA ALA A 236 14.82 -26.77 -3.24
C ALA A 236 14.21 -26.53 -4.59
N VAL A 237 13.84 -25.28 -4.85
CA VAL A 237 13.24 -24.96 -6.17
C VAL A 237 14.27 -25.02 -7.29
N TYR A 238 15.45 -24.53 -6.98
CA TYR A 238 16.54 -24.50 -7.93
C TYR A 238 16.99 -25.92 -8.32
N ASP A 239 16.86 -26.84 -7.37
CA ASP A 239 17.22 -28.25 -7.52
C ASP A 239 16.09 -29.12 -8.11
N SER A 240 14.93 -28.55 -8.35
CA SER A 240 13.82 -29.34 -8.87
C SER A 240 13.86 -29.66 -10.36
N GLU A 241 13.04 -30.64 -10.72
CA GLU A 241 12.91 -31.05 -12.09
C GLU A 241 12.23 -29.92 -12.83
N ASP A 242 11.21 -29.38 -12.19
CA ASP A 242 10.41 -28.30 -12.73
C ASP A 242 11.30 -27.16 -13.15
N TYR A 243 12.37 -26.93 -12.37
CA TYR A 243 13.29 -25.83 -12.70
C TYR A 243 14.00 -26.10 -14.03
N GLN A 244 14.46 -27.33 -14.20
CA GLN A 244 15.13 -27.69 -15.44
C GLN A 244 14.15 -27.62 -16.59
N GLU A 245 12.98 -28.13 -16.35
CA GLU A 245 11.96 -28.13 -17.34
C GLU A 245 11.57 -26.75 -17.80
N GLY A 246 11.52 -25.82 -16.88
CA GLY A 246 11.12 -24.48 -17.25
C GLY A 246 12.11 -23.74 -18.14
N MET A 247 13.42 -23.89 -17.84
CA MET A 247 14.52 -23.23 -18.59
C MET A 247 14.65 -23.77 -20.01
N ASN A 248 14.58 -25.10 -20.11
CA ASN A 248 14.67 -25.83 -21.38
C ASN A 248 13.57 -25.41 -22.26
N ALA A 249 12.35 -25.53 -21.73
CA ALA A 249 11.19 -25.18 -22.50
C ALA A 249 11.35 -23.78 -23.01
N PHE A 250 11.94 -22.93 -22.18
CA PHE A 250 12.15 -21.56 -22.59
C PHE A 250 13.11 -21.53 -23.76
N LEU A 251 14.27 -22.15 -23.55
CA LEU A 251 15.30 -22.24 -24.56
C LEU A 251 14.79 -22.99 -25.80
N GLU A 252 14.02 -24.05 -25.53
CA GLU A 252 13.42 -24.91 -26.55
C GLU A 252 12.21 -24.28 -27.23
N LYS A 253 11.84 -23.07 -26.77
CA LYS A 253 10.69 -22.37 -27.35
C LYS A 253 9.45 -23.26 -27.48
N ARG A 254 9.10 -23.93 -26.36
CA ARG A 254 7.94 -24.83 -26.28
C ARG A 254 7.25 -24.68 -24.91
N LYS A 255 6.00 -25.12 -24.80
CA LYS A 255 5.27 -25.03 -23.54
C LYS A 255 5.82 -26.00 -22.50
N PRO A 256 6.15 -25.51 -21.32
CA PRO A 256 6.68 -26.33 -20.27
C PRO A 256 5.64 -27.25 -19.66
N ASN A 257 6.11 -28.32 -19.09
CA ASN A 257 5.23 -29.25 -18.44
C ASN A 257 5.65 -29.42 -17.00
N PHE A 258 5.08 -28.59 -16.13
CA PHE A 258 5.38 -28.60 -14.70
C PHE A 258 4.73 -29.74 -13.99
N VAL A 259 5.46 -30.37 -13.11
CA VAL A 259 4.92 -31.48 -12.40
C VAL A 259 4.94 -31.36 -10.90
N GLY A 260 5.48 -30.30 -10.38
CA GLY A 260 5.48 -30.16 -8.92
C GLY A 260 6.62 -30.79 -8.16
N HIS A 261 7.69 -31.09 -8.85
CA HIS A 261 8.89 -31.66 -8.24
C HIS A 261 10.11 -31.32 -9.08
N MET B 1 -12.80 -35.85 -1.53
CA MET B 1 -13.16 -36.32 -0.19
C MET B 1 -14.48 -35.71 0.29
N SER B 2 -14.98 -36.17 1.44
CA SER B 2 -16.27 -35.66 1.98
C SER B 2 -16.20 -35.01 3.38
N TYR B 3 -17.06 -33.99 3.54
CA TYR B 3 -17.13 -33.25 4.80
C TYR B 3 -18.54 -32.86 5.09
N GLN B 4 -18.82 -32.59 6.32
CA GLN B 4 -20.15 -32.22 6.67
C GLN B 4 -20.50 -30.79 6.31
N TYR B 5 -19.55 -29.88 6.57
CA TYR B 5 -19.79 -28.46 6.34
C TYR B 5 -19.35 -27.79 5.05
N VAL B 6 -18.67 -28.53 4.19
CA VAL B 6 -18.22 -28.00 2.92
C VAL B 6 -18.22 -29.09 1.88
N ASN B 7 -18.32 -28.68 0.61
CA ASN B 7 -18.29 -29.63 -0.51
C ASN B 7 -17.05 -29.38 -1.39
N VAL B 8 -16.46 -30.43 -1.90
CA VAL B 8 -15.29 -30.29 -2.73
C VAL B 8 -15.39 -30.99 -4.10
N VAL B 9 -14.97 -30.28 -5.14
CA VAL B 9 -14.94 -30.78 -6.48
C VAL B 9 -13.68 -30.33 -7.15
N THR B 10 -13.08 -31.25 -7.85
CA THR B 10 -11.87 -30.99 -8.56
C THR B 10 -12.15 -30.99 -10.05
N ILE B 11 -11.55 -30.05 -10.71
CA ILE B 11 -11.69 -29.91 -12.14
C ILE B 11 -10.29 -29.83 -12.66
N ASN B 12 -9.81 -30.91 -13.23
CA ASN B 12 -8.45 -30.94 -13.71
C ASN B 12 -7.50 -30.67 -12.56
N LYS B 13 -6.71 -29.59 -12.65
CA LYS B 13 -5.74 -29.26 -11.61
C LYS B 13 -6.29 -28.25 -10.54
N VAL B 14 -7.55 -27.83 -10.73
CA VAL B 14 -8.19 -26.89 -9.83
C VAL B 14 -9.14 -27.54 -8.86
N ALA B 15 -9.17 -27.06 -7.63
CA ALA B 15 -10.11 -27.61 -6.65
C ALA B 15 -11.04 -26.49 -6.13
N VAL B 16 -12.35 -26.75 -6.09
CA VAL B 16 -13.32 -25.78 -5.61
C VAL B 16 -13.89 -26.24 -4.26
N ILE B 17 -13.68 -25.44 -3.23
CA ILE B 17 -14.18 -25.69 -1.88
C ILE B 17 -15.41 -24.82 -1.71
N GLU B 18 -16.56 -25.45 -1.58
CA GLU B 18 -17.82 -24.73 -1.44
C GLU B 18 -18.44 -24.89 -0.08
N PHE B 19 -18.82 -23.78 0.49
CA PHE B 19 -19.43 -23.82 1.80
C PHE B 19 -20.74 -24.55 1.76
N ASN B 20 -20.99 -25.34 2.81
CA ASN B 20 -22.24 -26.09 2.93
C ASN B 20 -22.78 -25.93 4.34
N TYR B 21 -23.17 -24.70 4.66
CA TYR B 21 -23.67 -24.33 5.96
C TYR B 21 -24.60 -23.17 5.87
N GLY B 22 -25.33 -23.11 4.76
CA GLY B 22 -26.28 -22.04 4.50
C GLY B 22 -27.33 -21.86 5.60
N ARG B 23 -27.67 -22.96 6.25
CA ARG B 23 -28.64 -22.93 7.30
C ARG B 23 -28.24 -21.94 8.35
N LYS B 24 -26.93 -21.78 8.50
CA LYS B 24 -26.38 -20.85 9.46
C LYS B 24 -25.62 -19.69 8.78
N LEU B 25 -25.96 -19.45 7.51
CA LEU B 25 -25.35 -18.37 6.72
C LEU B 25 -23.85 -18.48 6.63
N ASN B 26 -23.38 -19.68 6.69
CA ASN B 26 -21.96 -19.95 6.60
C ASN B 26 -21.14 -19.23 7.68
N ALA B 27 -21.71 -19.14 8.86
CA ALA B 27 -21.00 -18.51 9.95
C ALA B 27 -19.72 -19.29 10.20
N LEU B 28 -18.72 -18.61 10.73
CA LEU B 28 -17.43 -19.20 10.99
C LEU B 28 -17.32 -20.04 12.27
N SER B 29 -18.20 -21.01 12.40
CA SER B 29 -18.20 -21.90 13.56
C SER B 29 -17.00 -22.80 13.56
N LYS B 30 -16.72 -23.30 14.75
CA LYS B 30 -15.55 -24.15 14.86
C LYS B 30 -15.67 -25.39 13.94
N VAL B 31 -16.79 -25.98 13.94
CA VAL B 31 -17.06 -27.21 13.15
C VAL B 31 -17.04 -26.88 11.68
N PHE B 32 -17.43 -25.68 11.33
CA PHE B 32 -17.39 -25.25 9.94
C PHE B 32 -15.92 -25.07 9.49
N ILE B 33 -15.18 -24.30 10.27
CA ILE B 33 -13.77 -24.01 10.00
C ILE B 33 -12.93 -25.28 10.01
N ASP B 34 -13.20 -26.17 10.94
CA ASP B 34 -12.47 -27.40 11.02
C ASP B 34 -12.60 -28.19 9.71
N ASP B 35 -13.79 -28.18 9.16
CA ASP B 35 -14.03 -28.90 7.93
C ASP B 35 -13.22 -28.24 6.78
N LEU B 36 -13.29 -26.92 6.71
CA LEU B 36 -12.56 -26.15 5.69
C LEU B 36 -11.10 -26.48 5.73
N MET B 37 -10.56 -26.48 6.94
CA MET B 37 -9.18 -26.76 7.10
C MET B 37 -8.83 -28.16 6.67
N GLN B 38 -9.72 -29.10 6.98
CA GLN B 38 -9.44 -30.47 6.59
C GLN B 38 -9.49 -30.61 5.11
N ALA B 39 -10.44 -29.94 4.51
CA ALA B 39 -10.55 -30.01 3.06
C ALA B 39 -9.28 -29.47 2.38
N LEU B 40 -8.75 -28.35 2.90
CA LEU B 40 -7.52 -27.73 2.34
C LEU B 40 -6.38 -28.69 2.48
N SER B 41 -6.32 -29.22 3.67
CA SER B 41 -5.32 -30.15 4.01
C SER B 41 -5.30 -31.36 3.07
N ASP B 42 -6.48 -31.94 2.82
CA ASP B 42 -6.62 -33.13 1.94
C ASP B 42 -6.19 -32.84 0.52
N LEU B 43 -6.32 -31.55 0.15
CA LEU B 43 -6.01 -31.02 -1.18
C LEU B 43 -4.56 -30.60 -1.36
N ASN B 44 -3.76 -30.79 -0.35
CA ASN B 44 -2.35 -30.43 -0.41
C ASN B 44 -1.56 -31.54 -1.07
N ARG B 45 -1.81 -31.69 -2.37
CA ARG B 45 -1.23 -32.70 -3.24
C ARG B 45 -0.70 -32.07 -4.53
N PRO B 46 0.36 -32.65 -5.06
CA PRO B 46 0.99 -32.15 -6.27
C PRO B 46 0.05 -31.95 -7.44
N GLU B 47 -1.01 -32.77 -7.54
CA GLU B 47 -1.97 -32.65 -8.64
C GLU B 47 -2.93 -31.54 -8.49
N ILE B 48 -2.94 -30.89 -7.36
CA ILE B 48 -3.86 -29.79 -7.18
C ILE B 48 -3.01 -28.57 -7.26
N ARG B 49 -3.35 -27.62 -8.14
CA ARG B 49 -2.51 -26.43 -8.31
C ARG B 49 -3.11 -25.08 -7.86
N CYS B 50 -4.42 -25.00 -7.77
CA CYS B 50 -5.10 -23.78 -7.40
C CYS B 50 -6.39 -24.11 -6.70
N ILE B 51 -6.75 -23.27 -5.75
CA ILE B 51 -7.97 -23.44 -4.95
C ILE B 51 -8.92 -22.30 -5.05
N ILE B 52 -10.19 -22.66 -5.12
CA ILE B 52 -11.24 -21.67 -5.16
C ILE B 52 -12.15 -21.88 -3.96
N LEU B 53 -12.38 -20.80 -3.20
CA LEU B 53 -13.26 -20.80 -2.02
C LEU B 53 -14.53 -20.10 -2.44
N ARG B 54 -15.70 -20.71 -2.22
CA ARG B 54 -16.93 -20.04 -2.61
C ARG B 54 -18.11 -20.50 -1.79
N ALA B 55 -19.15 -19.71 -1.88
CA ALA B 55 -20.40 -19.99 -1.24
C ALA B 55 -21.26 -20.56 -2.38
N PRO B 56 -22.30 -21.31 -2.05
CA PRO B 56 -23.15 -21.89 -3.07
C PRO B 56 -23.73 -20.87 -4.04
N SER B 57 -23.91 -21.33 -5.29
CA SER B 57 -24.47 -20.48 -6.32
C SER B 57 -25.76 -19.84 -5.88
N GLY B 58 -25.86 -18.54 -6.08
CA GLY B 58 -27.06 -17.82 -5.68
C GLY B 58 -27.07 -17.28 -4.24
N SER B 59 -26.13 -17.67 -3.40
CA SER B 59 -26.11 -17.19 -2.02
C SER B 59 -26.34 -15.70 -1.85
N LYS B 60 -27.24 -15.34 -0.94
CA LYS B 60 -27.51 -13.93 -0.66
C LYS B 60 -26.40 -13.42 0.33
N VAL B 61 -25.97 -14.35 1.19
CA VAL B 61 -24.95 -14.12 2.20
C VAL B 61 -23.77 -15.04 1.98
N PHE B 62 -22.59 -14.46 1.67
CA PHE B 62 -21.40 -15.25 1.45
C PHE B 62 -21.05 -15.96 2.77
N SER B 63 -20.96 -15.16 3.84
CA SER B 63 -20.68 -15.65 5.20
C SER B 63 -21.01 -14.60 6.21
N ALA B 64 -21.77 -14.99 7.20
CA ALA B 64 -22.17 -14.08 8.26
C ALA B 64 -21.01 -13.78 9.16
N GLY B 65 -19.93 -14.53 8.98
CA GLY B 65 -18.77 -14.32 9.81
C GLY B 65 -18.89 -15.05 11.15
N HIS B 66 -18.54 -14.37 12.25
CA HIS B 66 -18.58 -14.93 13.61
C HIS B 66 -19.91 -15.42 14.17
N ASP B 67 -19.83 -16.54 14.93
CA ASP B 67 -20.97 -17.21 15.58
C ASP B 67 -20.87 -17.18 17.10
N ILE B 68 -21.96 -16.88 17.80
CA ILE B 68 -21.90 -16.84 19.27
C ILE B 68 -22.12 -18.24 19.87
N ASP B 77 -10.79 -14.18 25.69
CA ASP B 77 -10.34 -13.73 24.37
C ASP B 77 -10.66 -14.75 23.29
N PRO B 78 -11.67 -14.42 22.53
CA PRO B 78 -12.17 -15.24 21.44
C PRO B 78 -11.29 -15.14 20.23
N LEU B 79 -10.27 -14.32 20.33
CA LEU B 79 -9.36 -14.16 19.22
C LEU B 79 -7.95 -14.61 19.56
N SER B 80 -7.90 -15.71 20.33
CA SER B 80 -6.66 -16.33 20.78
C SER B 80 -6.03 -17.10 19.63
N TYR B 81 -4.73 -17.31 19.74
CA TYR B 81 -3.95 -17.99 18.74
C TYR B 81 -4.61 -19.20 18.12
N ASP B 82 -5.32 -19.97 18.96
CA ASP B 82 -5.97 -21.16 18.49
C ASP B 82 -7.43 -21.09 18.15
N ASP B 83 -7.96 -19.89 18.07
CA ASP B 83 -9.35 -19.78 17.69
C ASP B 83 -9.47 -20.09 16.21
N PRO B 84 -10.59 -20.62 15.82
CA PRO B 84 -10.81 -21.00 14.43
C PRO B 84 -10.45 -19.97 13.37
N LEU B 85 -10.89 -18.73 13.53
CA LEU B 85 -10.57 -17.72 12.55
C LEU B 85 -9.05 -17.52 12.48
N ARG B 86 -8.42 -17.52 13.64
CA ARG B 86 -6.96 -17.33 13.74
C ARG B 86 -6.23 -18.48 13.01
N GLN B 87 -6.72 -19.68 13.23
CA GLN B 87 -6.14 -20.85 12.59
C GLN B 87 -6.32 -20.88 11.08
N ILE B 88 -7.51 -20.58 10.62
CA ILE B 88 -7.77 -20.64 9.19
C ILE B 88 -7.05 -19.60 8.36
N THR B 89 -6.92 -18.37 8.90
CA THR B 89 -6.22 -17.32 8.15
C THR B 89 -4.74 -17.74 8.02
N ARG B 90 -4.20 -18.30 9.10
CA ARG B 90 -2.78 -18.76 9.05
C ARG B 90 -2.65 -19.85 8.01
N MET B 91 -3.62 -20.75 8.03
CA MET B 91 -3.55 -21.86 7.08
C MET B 91 -3.59 -21.45 5.66
N ILE B 92 -4.51 -20.56 5.39
CA ILE B 92 -4.68 -20.07 4.06
C ILE B 92 -3.40 -19.38 3.63
N GLN B 93 -2.83 -18.60 4.52
CA GLN B 93 -1.62 -17.87 4.21
C GLN B 93 -0.38 -18.74 4.01
N LYS B 94 -0.33 -19.85 4.71
CA LYS B 94 0.80 -20.77 4.60
C LYS B 94 0.62 -21.87 3.56
N PHE B 95 -0.59 -21.97 3.01
CA PHE B 95 -0.91 -22.97 1.99
C PHE B 95 -0.06 -22.73 0.71
N PRO B 96 0.73 -23.70 0.29
CA PRO B 96 1.62 -23.54 -0.88
C PRO B 96 0.96 -23.43 -2.28
N LYS B 97 -0.36 -23.28 -2.34
CA LYS B 97 -1.07 -23.13 -3.59
C LYS B 97 -1.86 -21.86 -3.46
N PRO B 98 -2.16 -21.24 -4.58
CA PRO B 98 -2.93 -20.05 -4.54
C PRO B 98 -4.34 -20.39 -4.14
N ILE B 99 -4.93 -19.50 -3.36
CA ILE B 99 -6.28 -19.64 -2.89
C ILE B 99 -7.05 -18.41 -3.32
N ILE B 100 -8.02 -18.60 -4.20
CA ILE B 100 -8.82 -17.51 -4.70
C ILE B 100 -10.18 -17.46 -4.05
N SER B 101 -10.53 -16.32 -3.48
CA SER B 101 -11.85 -16.21 -2.88
C SER B 101 -12.80 -15.69 -3.97
N MET B 102 -13.85 -16.52 -4.32
CA MET B 102 -14.87 -16.18 -5.35
C MET B 102 -16.13 -15.84 -4.59
N VAL B 103 -16.42 -14.55 -4.53
CA VAL B 103 -17.51 -14.00 -3.77
C VAL B 103 -18.82 -13.63 -4.42
N GLU B 104 -19.88 -14.21 -3.87
CA GLU B 104 -21.27 -13.96 -4.27
C GLU B 104 -22.03 -13.73 -2.96
N GLY B 105 -22.74 -12.61 -2.81
CA GLY B 105 -23.44 -12.37 -1.58
C GLY B 105 -22.69 -11.38 -0.68
N SER B 106 -23.25 -11.17 0.49
CA SER B 106 -22.69 -10.24 1.47
C SER B 106 -21.63 -10.91 2.36
N VAL B 107 -20.54 -10.17 2.64
CA VAL B 107 -19.41 -10.64 3.48
C VAL B 107 -19.33 -9.89 4.79
N TRP B 108 -19.27 -10.62 5.90
CA TRP B 108 -19.24 -9.94 7.18
C TRP B 108 -18.20 -10.42 8.17
N GLY B 109 -17.75 -9.46 8.99
CA GLY B 109 -16.80 -9.65 10.08
C GLY B 109 -15.63 -10.53 9.77
N GLY B 110 -15.49 -11.57 10.57
CA GLY B 110 -14.41 -12.53 10.41
C GLY B 110 -14.30 -13.05 9.00
N ALA B 111 -15.44 -13.22 8.32
CA ALA B 111 -15.38 -13.72 6.96
C ALA B 111 -14.61 -12.76 6.06
N PHE B 112 -14.70 -11.48 6.37
CA PHE B 112 -14.01 -10.46 5.60
C PHE B 112 -12.51 -10.63 5.79
N GLU B 113 -12.10 -10.82 7.05
CA GLU B 113 -10.67 -11.04 7.30
C GLU B 113 -10.26 -12.29 6.56
N MET B 114 -11.14 -13.31 6.63
CA MET B 114 -10.86 -14.58 5.96
C MET B 114 -10.56 -14.40 4.47
N ILE B 115 -11.44 -13.70 3.76
CA ILE B 115 -11.16 -13.53 2.36
C ILE B 115 -9.95 -12.64 2.12
N MET B 116 -9.71 -11.69 3.02
CA MET B 116 -8.55 -10.80 2.87
C MET B 116 -7.24 -11.56 2.96
N SER B 117 -7.24 -12.60 3.80
CA SER B 117 -6.06 -13.43 3.99
C SER B 117 -5.76 -14.32 2.74
N SER B 118 -6.74 -14.49 1.84
CA SER B 118 -6.55 -15.29 0.64
C SER B 118 -5.72 -14.52 -0.37
N ASP B 119 -5.31 -15.19 -1.43
CA ASP B 119 -4.45 -14.60 -2.47
C ASP B 119 -5.06 -13.61 -3.47
N LEU B 120 -6.25 -13.91 -3.90
CA LEU B 120 -7.02 -13.10 -4.85
C LEU B 120 -8.48 -13.12 -4.46
N ILE B 121 -9.19 -12.07 -4.79
CA ILE B 121 -10.60 -11.98 -4.54
C ILE B 121 -11.30 -11.51 -5.82
N ILE B 122 -12.20 -12.35 -6.31
CA ILE B 122 -13.00 -12.07 -7.50
C ILE B 122 -14.45 -12.10 -7.04
N ALA B 123 -15.17 -11.04 -7.29
CA ALA B 123 -16.52 -11.01 -6.79
C ALA B 123 -17.57 -10.51 -7.73
N ALA B 124 -18.82 -10.86 -7.38
CA ALA B 124 -20.03 -10.45 -8.13
C ALA B 124 -20.27 -8.94 -7.98
N SER B 125 -20.77 -8.32 -9.04
CA SER B 125 -21.03 -6.89 -8.99
C SER B 125 -22.00 -6.47 -7.89
N THR B 126 -22.72 -7.47 -7.38
CA THR B 126 -23.73 -7.29 -6.31
C THR B 126 -23.25 -7.64 -4.93
N SER B 127 -22.06 -8.14 -4.81
CA SER B 127 -21.57 -8.48 -3.49
C SER B 127 -21.27 -7.22 -2.66
N THR B 128 -21.24 -7.41 -1.36
CA THR B 128 -20.99 -6.33 -0.42
C THR B 128 -20.05 -6.77 0.69
N PHE B 129 -19.42 -5.80 1.37
CA PHE B 129 -18.45 -6.13 2.40
C PHE B 129 -18.48 -5.18 3.60
N SER B 130 -18.40 -5.75 4.82
CA SER B 130 -18.40 -4.96 6.07
C SER B 130 -17.43 -5.53 7.13
N MET B 131 -16.58 -4.68 7.75
CA MET B 131 -15.80 -5.04 8.95
C MET B 131 -16.51 -4.50 10.19
N THR B 132 -17.04 -5.41 10.92
CA THR B 132 -17.88 -5.11 12.07
C THR B 132 -17.44 -5.26 13.53
N PRO B 133 -16.13 -5.45 13.89
CA PRO B 133 -15.84 -5.59 15.34
C PRO B 133 -16.36 -4.46 16.22
N VAL B 134 -16.41 -3.23 15.69
CA VAL B 134 -16.87 -2.09 16.49
C VAL B 134 -18.38 -2.13 16.76
N ASN B 135 -19.07 -2.98 16.06
CA ASN B 135 -20.50 -3.10 16.30
C ASN B 135 -20.75 -3.78 17.67
N LEU B 136 -19.88 -4.74 17.99
CA LEU B 136 -19.94 -5.53 19.23
C LEU B 136 -19.00 -5.13 20.34
N GLY B 137 -18.11 -4.22 20.07
CA GLY B 137 -17.16 -3.78 21.11
C GLY B 137 -15.96 -4.74 21.25
N VAL B 138 -15.67 -5.48 20.18
CA VAL B 138 -14.56 -6.42 20.21
C VAL B 138 -13.16 -5.80 20.01
N PRO B 139 -12.25 -6.14 20.90
CA PRO B 139 -10.88 -5.65 20.79
C PRO B 139 -10.15 -6.57 19.83
N TYR B 140 -10.23 -6.29 18.55
CA TYR B 140 -9.56 -7.12 17.56
C TYR B 140 -8.07 -7.31 17.89
N ASN B 141 -7.48 -8.47 17.52
CA ASN B 141 -6.06 -8.72 17.79
C ASN B 141 -5.17 -8.12 16.71
N LEU B 142 -3.88 -7.95 17.04
CA LEU B 142 -2.86 -7.38 16.12
C LEU B 142 -2.75 -8.13 14.79
N VAL B 143 -2.59 -9.45 14.85
CA VAL B 143 -2.46 -10.22 13.62
C VAL B 143 -3.68 -9.97 12.71
N GLY B 144 -4.85 -9.97 13.35
CA GLY B 144 -6.09 -9.76 12.65
C GLY B 144 -6.15 -8.43 11.95
N ILE B 145 -5.79 -7.41 12.67
CA ILE B 145 -5.80 -6.10 12.11
C ILE B 145 -4.78 -6.02 10.96
N HIS B 146 -3.62 -6.56 11.20
CA HIS B 146 -2.56 -6.56 10.22
C HIS B 146 -3.00 -7.14 8.88
N ASN B 147 -3.80 -8.21 8.96
CA ASN B 147 -4.32 -8.90 7.79
C ASN B 147 -5.19 -8.02 6.91
N LEU B 148 -5.70 -6.94 7.49
CA LEU B 148 -6.56 -6.04 6.76
C LEU B 148 -5.86 -4.82 6.17
N THR B 149 -4.54 -4.71 6.35
CA THR B 149 -3.83 -3.54 5.87
C THR B 149 -2.94 -3.67 4.66
N ARG B 150 -2.97 -4.79 3.97
CA ARG B 150 -2.07 -4.95 2.84
C ARG B 150 -2.62 -4.65 1.49
N ASP B 151 -3.89 -4.22 1.43
CA ASP B 151 -4.49 -3.96 0.15
C ASP B 151 -4.91 -2.54 -0.07
N ALA B 152 -5.77 -2.01 0.82
CA ALA B 152 -6.23 -0.63 0.72
C ALA B 152 -5.43 0.20 1.66
N GLY B 153 -5.39 1.49 1.44
CA GLY B 153 -4.62 2.36 2.32
C GLY B 153 -5.20 2.52 3.73
N PHE B 154 -4.37 3.12 4.60
CA PHE B 154 -4.71 3.36 6.02
C PHE B 154 -6.01 4.10 6.21
N HIS B 155 -6.14 5.25 5.57
CA HIS B 155 -7.36 6.02 5.71
C HIS B 155 -8.58 5.19 5.33
N ILE B 156 -8.47 4.45 4.26
CA ILE B 156 -9.59 3.68 3.84
C ILE B 156 -9.93 2.60 4.85
N VAL B 157 -8.90 1.91 5.32
CA VAL B 157 -9.07 0.84 6.29
C VAL B 157 -9.78 1.36 7.54
N LYS B 158 -9.32 2.49 8.02
CA LYS B 158 -9.89 3.08 9.19
C LYS B 158 -11.35 3.45 9.00
N GLU B 159 -11.72 3.88 7.79
CA GLU B 159 -13.13 4.21 7.57
C GLU B 159 -13.96 2.91 7.67
N LEU B 160 -13.50 1.86 6.98
CA LEU B 160 -14.21 0.57 7.00
C LEU B 160 -14.46 0.04 8.40
N ILE B 161 -13.40 0.08 9.20
CA ILE B 161 -13.44 -0.42 10.56
C ILE B 161 -14.16 0.48 11.51
N PHE B 162 -13.90 1.75 11.40
CA PHE B 162 -14.54 2.67 12.29
C PHE B 162 -16.02 2.79 12.05
N THR B 163 -16.47 2.68 10.78
CA THR B 163 -17.90 2.83 10.50
C THR B 163 -18.65 1.52 10.48
N ALA B 164 -17.92 0.43 10.18
CA ALA B 164 -18.54 -0.88 10.08
C ALA B 164 -19.63 -0.86 9.00
N SER B 165 -19.56 0.15 8.12
CA SER B 165 -20.51 0.31 7.02
C SER B 165 -20.14 -0.58 5.87
N PRO B 166 -21.14 -1.10 5.16
CA PRO B 166 -20.82 -1.95 4.04
C PRO B 166 -20.36 -1.11 2.83
N ILE B 167 -19.59 -1.71 1.98
CA ILE B 167 -19.14 -1.04 0.77
C ILE B 167 -19.47 -1.91 -0.40
N THR B 168 -19.67 -1.32 -1.54
CA THR B 168 -20.02 -2.09 -2.70
C THR B 168 -18.81 -2.76 -3.28
N ALA B 169 -19.06 -3.72 -4.17
CA ALA B 169 -18.00 -4.42 -4.84
C ALA B 169 -17.21 -3.39 -5.69
N GLN B 170 -17.92 -2.37 -6.24
CA GLN B 170 -17.24 -1.33 -7.07
C GLN B 170 -16.29 -0.54 -6.24
N ARG B 171 -16.68 -0.22 -5.05
CA ARG B 171 -15.79 0.54 -4.23
C ARG B 171 -14.64 -0.34 -3.72
N ALA B 172 -14.93 -1.59 -3.42
CA ALA B 172 -13.90 -2.50 -2.94
C ALA B 172 -12.82 -2.65 -4.00
N LEU B 173 -13.23 -2.63 -5.24
CA LEU B 173 -12.30 -2.77 -6.34
C LEU B 173 -11.47 -1.52 -6.44
N ALA B 174 -12.14 -0.38 -6.42
CA ALA B 174 -11.43 0.87 -6.54
C ALA B 174 -10.40 1.10 -5.45
N VAL B 175 -10.65 0.67 -4.22
CA VAL B 175 -9.67 0.90 -3.18
C VAL B 175 -8.56 -0.11 -3.10
N GLY B 176 -8.60 -1.13 -3.94
CA GLY B 176 -7.54 -2.16 -3.97
C GLY B 176 -7.81 -3.48 -3.27
N ILE B 177 -8.96 -3.64 -2.71
CA ILE B 177 -9.27 -4.89 -2.02
C ILE B 177 -9.52 -6.04 -2.98
N LEU B 178 -10.33 -5.79 -4.00
CA LEU B 178 -10.65 -6.85 -4.95
C LEU B 178 -9.76 -6.86 -6.15
N ASN B 179 -9.66 -8.02 -6.78
CA ASN B 179 -8.89 -8.16 -8.00
C ASN B 179 -9.77 -7.81 -9.23
N HIS B 180 -10.99 -8.40 -9.25
CA HIS B 180 -11.96 -8.20 -10.34
C HIS B 180 -13.39 -8.23 -9.84
N VAL B 181 -14.24 -7.56 -10.57
CA VAL B 181 -15.69 -7.49 -10.31
C VAL B 181 -16.36 -7.96 -11.56
N VAL B 182 -17.27 -8.90 -11.45
CA VAL B 182 -17.93 -9.39 -12.66
C VAL B 182 -19.40 -9.62 -12.42
N GLU B 183 -20.18 -9.69 -13.52
CA GLU B 183 -21.62 -9.94 -13.43
C GLU B 183 -21.76 -11.35 -12.89
N VAL B 184 -22.72 -11.60 -11.97
CA VAL B 184 -22.87 -12.98 -11.41
C VAL B 184 -22.88 -14.07 -12.44
N GLU B 185 -23.60 -13.83 -13.53
CA GLU B 185 -23.69 -14.85 -14.56
C GLU B 185 -22.33 -15.30 -15.05
N GLU B 186 -21.36 -14.41 -15.00
CA GLU B 186 -20.02 -14.73 -15.47
C GLU B 186 -19.00 -15.01 -14.38
N LEU B 187 -19.40 -14.85 -13.15
CA LEU B 187 -18.51 -15.06 -12.03
C LEU B 187 -17.75 -16.38 -12.10
N GLU B 188 -18.49 -17.44 -12.18
CA GLU B 188 -17.94 -18.76 -12.21
C GLU B 188 -16.99 -19.02 -13.34
N ASP B 189 -17.41 -18.75 -14.52
CA ASP B 189 -16.55 -19.00 -15.64
C ASP B 189 -15.27 -18.20 -15.62
N PHE B 190 -15.40 -16.91 -15.32
CA PHE B 190 -14.24 -16.01 -15.26
C PHE B 190 -13.20 -16.49 -14.28
N THR B 191 -13.70 -16.95 -13.11
CA THR B 191 -12.88 -17.45 -12.01
C THR B 191 -12.17 -18.72 -12.35
N LEU B 192 -12.90 -19.63 -12.93
CA LEU B 192 -12.33 -20.90 -13.30
C LEU B 192 -11.26 -20.77 -14.35
N GLN B 193 -11.53 -19.97 -15.35
CA GLN B 193 -10.53 -19.79 -16.38
C GLN B 193 -9.19 -19.30 -15.81
N MET B 194 -9.25 -18.30 -14.95
CA MET B 194 -8.03 -17.81 -14.37
C MET B 194 -7.33 -18.87 -13.55
N ALA B 195 -8.11 -19.64 -12.80
CA ALA B 195 -7.59 -20.69 -11.98
C ALA B 195 -6.92 -21.75 -12.84
N HIS B 196 -7.54 -22.03 -13.97
CA HIS B 196 -6.96 -23.03 -14.85
C HIS B 196 -5.63 -22.53 -15.38
N HIS B 197 -5.62 -21.26 -15.68
CA HIS B 197 -4.45 -20.64 -16.21
C HIS B 197 -3.33 -20.68 -15.23
N ILE B 198 -3.66 -20.36 -13.98
CA ILE B 198 -2.63 -20.40 -12.97
C ILE B 198 -2.04 -21.81 -12.87
N SER B 199 -2.92 -22.80 -13.00
CA SER B 199 -2.56 -24.22 -12.92
C SER B 199 -1.53 -24.71 -13.92
N GLU B 200 -1.26 -23.92 -14.94
CA GLU B 200 -0.28 -24.26 -15.96
C GLU B 200 1.13 -23.73 -15.62
N LYS B 201 1.20 -22.93 -14.58
CA LYS B 201 2.46 -22.32 -14.16
C LYS B 201 3.23 -23.20 -13.22
N ALA B 202 4.47 -22.82 -12.91
CA ALA B 202 5.35 -23.58 -12.02
C ALA B 202 4.91 -23.50 -10.54
N PRO B 203 4.37 -24.59 -10.06
CA PRO B 203 3.88 -24.68 -8.68
C PRO B 203 4.91 -24.35 -7.64
N LEU B 204 6.12 -24.91 -7.81
CA LEU B 204 7.19 -24.66 -6.85
C LEU B 204 7.58 -23.20 -6.76
N ALA B 205 7.56 -22.52 -7.91
CA ALA B 205 7.90 -21.11 -7.97
C ALA B 205 6.82 -20.31 -7.27
N ILE B 206 5.60 -20.66 -7.57
CA ILE B 206 4.47 -20.01 -6.99
C ILE B 206 4.52 -20.12 -5.43
N ALA B 207 4.73 -21.34 -4.95
CA ALA B 207 4.78 -21.59 -3.53
C ALA B 207 5.85 -20.77 -2.82
N VAL B 208 7.06 -20.74 -3.38
CA VAL B 208 8.11 -19.97 -2.71
C VAL B 208 7.84 -18.46 -2.69
N ILE B 209 7.35 -17.95 -3.80
CA ILE B 209 7.03 -16.52 -3.90
C ILE B 209 5.89 -16.17 -2.95
N LYS B 210 4.90 -17.06 -2.87
CA LYS B 210 3.79 -16.80 -1.96
C LYS B 210 4.29 -16.70 -0.52
N GLU B 211 5.17 -17.66 -0.15
CA GLU B 211 5.75 -17.68 1.19
C GLU B 211 6.66 -16.46 1.46
N GLU B 212 7.37 -16.01 0.41
CA GLU B 212 8.24 -14.85 0.54
C GLU B 212 7.36 -13.66 0.82
N LEU B 213 6.27 -13.59 0.06
CA LEU B 213 5.31 -12.49 0.25
C LEU B 213 4.72 -12.51 1.69
N ARG B 214 4.42 -13.70 2.19
CA ARG B 214 3.85 -13.84 3.55
C ARG B 214 4.80 -13.32 4.61
N VAL B 215 6.03 -13.79 4.54
CA VAL B 215 7.06 -13.39 5.48
C VAL B 215 7.29 -11.87 5.43
N LEU B 216 7.38 -11.32 4.20
CA LEU B 216 7.54 -9.91 4.07
C LEU B 216 6.30 -9.21 4.66
N GLY B 217 5.14 -9.68 4.32
CA GLY B 217 3.89 -9.06 4.84
C GLY B 217 3.78 -9.04 6.36
N GLU B 218 4.39 -10.01 7.02
CA GLU B 218 4.34 -10.07 8.47
C GLU B 218 5.42 -9.29 9.15
N ALA B 219 6.45 -8.96 8.38
CA ALA B 219 7.62 -8.30 8.86
C ALA B 219 7.56 -6.88 9.43
N HIS B 220 6.55 -6.59 10.22
CA HIS B 220 6.42 -5.32 10.90
C HIS B 220 6.69 -5.73 12.31
N THR B 221 7.87 -5.47 12.80
CA THR B 221 8.24 -5.92 14.11
C THR B 221 8.29 -4.87 15.19
N MET B 222 8.15 -5.35 16.44
CA MET B 222 8.17 -4.48 17.59
C MET B 222 8.74 -5.19 18.80
N ASN B 223 9.01 -4.43 19.86
CA ASN B 223 9.56 -5.01 21.05
C ASN B 223 8.50 -5.64 21.95
N SER B 224 8.94 -6.46 22.88
CA SER B 224 8.04 -7.14 23.79
C SER B 224 7.14 -6.19 24.60
N ASP B 225 7.74 -5.08 25.04
CA ASP B 225 7.00 -4.12 25.83
C ASP B 225 5.79 -3.58 25.05
N GLU B 226 6.01 -3.22 23.77
CA GLU B 226 4.91 -2.70 22.94
C GLU B 226 3.79 -3.73 22.83
N PHE B 227 4.17 -4.96 22.57
CA PHE B 227 3.15 -5.99 22.46
C PHE B 227 2.38 -6.17 23.77
N GLU B 228 3.11 -6.27 24.88
CA GLU B 228 2.43 -6.43 26.14
C GLU B 228 1.54 -5.26 26.44
N ARG B 229 1.97 -4.08 26.03
CA ARG B 229 1.19 -2.88 26.25
C ARG B 229 -0.14 -2.96 25.47
N ILE B 230 -0.07 -3.46 24.25
CA ILE B 230 -1.28 -3.61 23.43
C ILE B 230 -2.22 -4.61 24.08
N GLN B 231 -1.65 -5.69 24.54
CA GLN B 231 -2.43 -6.74 25.19
C GLN B 231 -3.14 -6.22 26.40
N GLY B 232 -2.44 -5.43 27.18
CA GLY B 232 -3.06 -4.83 28.36
C GLY B 232 -4.31 -4.02 27.93
N MET B 233 -4.17 -3.22 26.87
CA MET B 233 -5.31 -2.44 26.41
C MET B 233 -6.42 -3.33 25.95
N ARG B 234 -6.05 -4.39 25.29
CA ARG B 234 -7.05 -5.29 24.79
C ARG B 234 -7.83 -5.91 25.94
N ARG B 235 -7.10 -6.27 26.95
CA ARG B 235 -7.71 -6.87 28.09
C ARG B 235 -8.70 -5.90 28.76
N ALA B 236 -8.31 -4.62 28.84
CA ALA B 236 -9.21 -3.61 29.43
C ALA B 236 -10.55 -3.54 28.67
N VAL B 237 -10.50 -3.75 27.36
CA VAL B 237 -11.69 -3.72 26.55
C VAL B 237 -12.54 -4.93 26.86
N TYR B 238 -11.90 -6.03 26.97
CA TYR B 238 -12.60 -7.25 27.25
C TYR B 238 -13.30 -7.23 28.61
N ASP B 239 -12.73 -6.47 29.54
CA ASP B 239 -13.24 -6.33 30.89
C ASP B 239 -14.24 -5.18 31.02
N SER B 240 -14.53 -4.52 29.94
CA SER B 240 -15.42 -3.41 30.04
C SER B 240 -16.90 -3.76 30.00
N GLU B 241 -17.70 -2.77 30.47
CA GLU B 241 -19.15 -2.84 30.48
C GLU B 241 -19.64 -2.86 29.03
N ASP B 242 -19.02 -2.00 28.25
CA ASP B 242 -19.35 -1.90 26.84
C ASP B 242 -19.22 -3.24 26.14
N TYR B 243 -18.23 -4.05 26.57
CA TYR B 243 -18.01 -5.37 25.94
C TYR B 243 -19.24 -6.27 26.14
N GLN B 244 -19.78 -6.22 27.36
CA GLN B 244 -20.97 -7.01 27.74
C GLN B 244 -22.18 -6.53 26.96
N GLU B 245 -22.32 -5.21 26.91
CA GLU B 245 -23.39 -4.59 26.21
C GLU B 245 -23.38 -4.97 24.75
N GLY B 246 -22.23 -4.93 24.14
CA GLY B 246 -22.18 -5.29 22.73
C GLY B 246 -22.64 -6.72 22.46
N MET B 247 -22.18 -7.63 23.28
CA MET B 247 -22.54 -9.02 23.09
C MET B 247 -24.02 -9.29 23.32
N ASN B 248 -24.55 -8.70 24.40
CA ASN B 248 -25.95 -8.81 24.80
C ASN B 248 -26.88 -8.20 23.80
N ALA B 249 -26.58 -6.97 23.41
CA ALA B 249 -27.40 -6.27 22.45
C ALA B 249 -27.53 -7.16 21.22
N PHE B 250 -26.39 -7.72 20.77
CA PHE B 250 -26.40 -8.60 19.59
C PHE B 250 -27.35 -9.77 19.77
N LEU B 251 -27.28 -10.44 20.92
CA LEU B 251 -28.15 -11.60 21.22
C LEU B 251 -29.62 -11.23 21.26
N GLU B 252 -29.90 -10.15 21.97
CA GLU B 252 -31.24 -9.62 22.16
C GLU B 252 -31.75 -8.84 20.95
N LYS B 253 -30.94 -8.82 19.87
CA LYS B 253 -31.27 -8.11 18.65
C LYS B 253 -31.91 -6.75 18.84
N ARG B 254 -31.16 -5.92 19.52
CA ARG B 254 -31.51 -4.55 19.83
C ARG B 254 -30.24 -3.72 19.69
N LYS B 255 -30.40 -2.44 19.45
CA LYS B 255 -29.29 -1.52 19.28
C LYS B 255 -28.45 -1.39 20.55
N PRO B 256 -27.13 -1.64 20.46
CA PRO B 256 -26.32 -1.50 21.67
C PRO B 256 -26.21 -0.06 22.09
N ASN B 257 -26.06 0.16 23.34
CA ASN B 257 -25.89 1.48 23.83
C ASN B 257 -24.53 1.56 24.50
N PHE B 258 -23.51 2.04 23.78
CA PHE B 258 -22.12 2.15 24.31
C PHE B 258 -21.90 3.38 25.15
N VAL B 259 -21.14 3.23 26.25
CA VAL B 259 -20.88 4.35 27.17
C VAL B 259 -19.40 4.71 27.41
N GLY B 260 -18.46 3.92 26.90
CA GLY B 260 -17.05 4.29 27.09
C GLY B 260 -16.40 3.67 28.31
N HIS B 261 -17.01 2.65 28.85
CA HIS B 261 -16.45 1.96 29.99
C HIS B 261 -16.90 0.52 30.07
N MET C 1 -12.22 25.92 28.02
CA MET C 1 -13.46 25.95 27.25
C MET C 1 -13.41 26.91 26.05
N SER C 2 -12.46 27.87 26.07
CA SER C 2 -12.32 28.81 24.95
C SER C 2 -10.85 29.00 24.47
N TYR C 3 -10.66 29.30 23.15
CA TYR C 3 -9.32 29.46 22.59
C TYR C 3 -9.19 30.64 21.65
N GLN C 4 -7.98 31.17 21.58
CA GLN C 4 -7.71 32.30 20.72
C GLN C 4 -7.74 31.96 19.24
N TYR C 5 -7.03 30.84 18.90
CA TYR C 5 -6.85 30.33 17.54
C TYR C 5 -7.79 29.29 16.95
N VAL C 6 -8.69 28.75 17.78
CA VAL C 6 -9.64 27.74 17.31
C VAL C 6 -10.99 27.94 17.97
N ASN C 7 -12.01 27.44 17.30
CA ASN C 7 -13.38 27.47 17.77
C ASN C 7 -13.91 26.02 17.77
N VAL C 8 -14.49 25.62 18.90
CA VAL C 8 -15.01 24.28 19.07
C VAL C 8 -16.49 24.28 19.28
N VAL C 9 -17.15 23.36 18.63
CA VAL C 9 -18.57 23.19 18.78
C VAL C 9 -18.84 21.72 18.96
N THR C 10 -19.68 21.40 19.92
CA THR C 10 -20.02 20.01 20.19
C THR C 10 -21.46 19.76 19.83
N ILE C 11 -21.70 18.65 19.14
CA ILE C 11 -23.03 18.24 18.72
C ILE C 11 -23.23 16.84 19.23
N ASN C 12 -23.80 16.74 20.42
CA ASN C 12 -24.00 15.45 21.02
C ASN C 12 -22.61 14.82 21.26
N LYS C 13 -22.34 13.66 20.63
CA LYS C 13 -21.05 12.96 20.78
C LYS C 13 -19.95 13.44 19.80
N VAL C 14 -20.28 14.39 18.91
CA VAL C 14 -19.30 14.88 17.95
C VAL C 14 -18.78 16.25 18.26
N ALA C 15 -17.46 16.42 18.14
CA ALA C 15 -16.84 17.71 18.37
C ALA C 15 -16.16 18.21 17.08
N VAL C 16 -16.40 19.49 16.76
CA VAL C 16 -15.83 20.13 15.59
C VAL C 16 -14.84 21.17 16.02
N ILE C 17 -13.58 20.99 15.63
CA ILE C 17 -12.54 21.95 15.96
C ILE C 17 -12.33 22.78 14.70
N GLU C 18 -12.62 24.05 14.76
CA GLU C 18 -12.47 24.88 13.57
C GLU C 18 -11.32 25.83 13.74
N PHE C 19 -10.50 25.95 12.72
CA PHE C 19 -9.37 26.85 12.83
C PHE C 19 -9.86 28.26 12.86
N ASN C 20 -9.15 29.08 13.59
CA ASN C 20 -9.46 30.49 13.70
C ASN C 20 -8.15 31.27 13.61
N TYR C 21 -7.55 31.22 12.43
CA TYR C 21 -6.30 31.88 12.24
C TYR C 21 -6.14 32.25 10.80
N GLY C 22 -7.29 32.54 10.20
CA GLY C 22 -7.38 32.89 8.81
C GLY C 22 -6.48 34.05 8.38
N ARG C 23 -6.25 35.00 9.27
CA ARG C 23 -5.42 36.14 8.94
C ARG C 23 -4.05 35.70 8.49
N LYS C 24 -3.63 34.54 9.01
CA LYS C 24 -2.35 33.94 8.70
C LYS C 24 -2.55 32.65 7.90
N LEU C 25 -3.70 32.55 7.28
CA LEU C 25 -4.08 31.38 6.50
C LEU C 25 -3.95 30.07 7.27
N ASN C 26 -4.20 30.11 8.56
CA ASN C 26 -4.12 28.92 9.34
C ASN C 26 -2.77 28.26 9.27
N ALA C 27 -1.74 29.08 9.35
CA ALA C 27 -0.41 28.59 9.29
C ALA C 27 -0.10 27.84 10.54
N LEU C 28 0.68 26.78 10.42
CA LEU C 28 1.02 25.96 11.57
C LEU C 28 1.98 26.56 12.58
N SER C 29 1.70 27.76 13.05
CA SER C 29 2.53 28.40 14.03
C SER C 29 2.42 27.71 15.36
N LYS C 30 3.36 28.00 16.24
CA LYS C 30 3.33 27.39 17.55
C LYS C 30 2.05 27.74 18.31
N VAL C 31 1.66 29.00 18.23
CA VAL C 31 0.48 29.48 18.93
C VAL C 31 -0.76 28.77 18.48
N PHE C 32 -0.90 28.67 17.19
CA PHE C 32 -2.04 28.00 16.62
C PHE C 32 -2.10 26.55 17.08
N ILE C 33 -0.99 25.85 16.85
CA ILE C 33 -0.87 24.46 17.20
C ILE C 33 -1.04 24.21 18.65
N ASP C 34 -0.57 25.14 19.45
CA ASP C 34 -0.73 24.96 20.87
C ASP C 34 -2.23 24.93 21.22
N ASP C 35 -3.02 25.82 20.59
CA ASP C 35 -4.49 25.87 20.83
C ASP C 35 -5.17 24.62 20.30
N LEU C 36 -4.73 24.15 19.14
CA LEU C 36 -5.30 22.94 18.57
C LEU C 36 -5.11 21.81 19.54
N MET C 37 -3.91 21.70 20.06
CA MET C 37 -3.62 20.66 20.97
C MET C 37 -4.38 20.76 22.26
N GLN C 38 -4.58 21.98 22.74
CA GLN C 38 -5.31 22.16 23.97
C GLN C 38 -6.77 21.76 23.79
N ALA C 39 -7.32 22.18 22.67
CA ALA C 39 -8.70 21.86 22.36
C ALA C 39 -8.91 20.35 22.28
N LEU C 40 -7.95 19.65 21.70
CA LEU C 40 -8.03 18.18 21.58
C LEU C 40 -8.00 17.53 22.94
N SER C 41 -7.09 18.00 23.73
CA SER C 41 -6.93 17.48 25.04
C SER C 41 -8.17 17.66 25.90
N ASP C 42 -8.78 18.82 25.77
CA ASP C 42 -9.97 19.14 26.55
C ASP C 42 -11.16 18.29 26.13
N LEU C 43 -11.10 17.75 24.91
CA LEU C 43 -12.13 16.94 24.36
C LEU C 43 -11.94 15.46 24.60
N ASN C 44 -10.88 15.12 25.32
CA ASN C 44 -10.59 13.73 25.60
C ASN C 44 -11.39 13.29 26.79
N ARG C 45 -12.74 13.15 26.57
CA ARG C 45 -13.71 12.75 27.59
C ARG C 45 -14.62 11.67 27.05
N PRO C 46 -15.07 10.78 27.93
CA PRO C 46 -15.93 9.67 27.54
C PRO C 46 -17.12 10.01 26.70
N GLU C 47 -17.68 11.21 26.90
CA GLU C 47 -18.86 11.60 26.14
C GLU C 47 -18.59 12.12 24.76
N ILE C 48 -17.32 12.27 24.40
CA ILE C 48 -16.93 12.74 23.06
C ILE C 48 -16.43 11.52 22.32
N ARG C 49 -16.98 11.23 21.13
CA ARG C 49 -16.60 10.03 20.40
C ARG C 49 -15.91 10.23 19.06
N CYS C 50 -15.98 11.38 18.51
CA CYS C 50 -15.38 11.59 17.23
C CYS C 50 -15.11 13.04 17.04
N ILE C 51 -13.95 13.34 16.46
CA ILE C 51 -13.50 14.70 16.22
C ILE C 51 -13.44 15.04 14.72
N ILE C 52 -13.75 16.29 14.40
CA ILE C 52 -13.69 16.78 13.04
C ILE C 52 -12.80 18.03 13.04
N LEU C 53 -11.77 18.08 12.16
CA LEU C 53 -10.90 19.25 12.06
C LEU C 53 -11.30 19.95 10.77
N ARG C 54 -11.44 21.28 10.80
CA ARG C 54 -11.83 21.99 9.61
C ARG C 54 -11.40 23.41 9.64
N ALA C 55 -11.47 24.04 8.44
CA ALA C 55 -11.18 25.44 8.30
C ALA C 55 -12.55 26.10 8.17
N PRO C 56 -12.66 27.37 8.48
CA PRO C 56 -13.95 28.07 8.38
C PRO C 56 -14.61 27.86 7.08
N SER C 57 -15.92 27.82 7.14
CA SER C 57 -16.69 27.63 5.95
C SER C 57 -16.36 28.64 4.86
N GLY C 58 -16.18 28.15 3.63
CA GLY C 58 -15.86 29.00 2.49
C GLY C 58 -14.37 29.29 2.29
N SER C 59 -13.51 28.80 3.18
CA SER C 59 -12.06 29.04 3.08
C SER C 59 -11.44 28.72 1.69
N LYS C 60 -10.56 29.62 1.23
CA LYS C 60 -9.89 29.42 -0.03
C LYS C 60 -8.65 28.56 0.22
N VAL C 61 -8.04 28.83 1.38
CA VAL C 61 -6.88 28.14 1.84
C VAL C 61 -7.17 27.39 3.15
N PHE C 62 -7.05 26.06 3.12
CA PHE C 62 -7.27 25.25 4.30
C PHE C 62 -6.21 25.59 5.29
N SER C 63 -4.98 25.48 4.84
CA SER C 63 -3.83 25.81 5.68
C SER C 63 -2.60 26.02 4.81
N ALA C 64 -1.89 27.12 5.04
CA ALA C 64 -0.69 27.43 4.26
C ALA C 64 0.49 26.61 4.71
N GLY C 65 0.36 25.98 5.87
CA GLY C 65 1.44 25.15 6.36
C GLY C 65 2.40 25.86 7.28
N HIS C 66 3.68 25.67 7.04
CA HIS C 66 4.65 26.30 7.91
C HIS C 66 4.69 27.81 7.86
N ASP C 67 5.13 28.34 8.99
CA ASP C 67 5.27 29.75 9.20
C ASP C 67 6.74 30.14 9.06
N LEU C 79 13.32 20.21 12.33
CA LEU C 79 12.08 19.45 12.61
C LEU C 79 12.26 18.48 13.79
N SER C 80 12.75 19.06 14.94
CA SER C 80 13.00 18.34 16.20
C SER C 80 11.78 17.66 16.69
N TYR C 81 12.00 16.71 17.54
CA TYR C 81 10.94 15.92 18.12
C TYR C 81 9.84 16.75 18.74
N ASP C 82 10.24 17.87 19.31
CA ASP C 82 9.28 18.73 19.96
C ASP C 82 8.74 19.95 19.19
N ASP C 83 9.02 20.01 17.89
CA ASP C 83 8.51 21.11 17.09
C ASP C 83 6.99 20.91 16.95
N PRO C 84 6.25 22.01 16.87
CA PRO C 84 4.80 21.96 16.78
C PRO C 84 4.20 20.91 15.87
N LEU C 85 4.60 20.91 14.62
CA LEU C 85 4.09 19.94 13.65
C LEU C 85 4.33 18.49 14.11
N ARG C 86 5.53 18.23 14.63
CA ARG C 86 5.88 16.89 15.10
C ARG C 86 4.97 16.49 16.26
N GLN C 87 4.70 17.50 17.12
CA GLN C 87 3.85 17.31 18.27
C GLN C 87 2.41 16.99 17.91
N ILE C 88 1.85 17.77 17.03
CA ILE C 88 0.43 17.59 16.62
C ILE C 88 0.13 16.26 15.91
N THR C 89 1.05 15.83 15.02
CA THR C 89 0.88 14.56 14.30
C THR C 89 0.92 13.43 15.31
N ARG C 90 1.83 13.51 16.27
CA ARG C 90 1.91 12.46 17.27
C ARG C 90 0.63 12.40 18.10
N MET C 91 0.16 13.56 18.48
CA MET C 91 -1.01 13.65 19.28
C MET C 91 -2.22 13.20 18.57
N ILE C 92 -2.37 13.64 17.34
CA ILE C 92 -3.49 13.24 16.56
C ILE C 92 -3.49 11.70 16.41
N GLN C 93 -2.31 11.15 16.22
CA GLN C 93 -2.17 9.70 16.04
C GLN C 93 -2.43 8.85 17.30
N LYS C 94 -2.12 9.40 18.45
CA LYS C 94 -2.31 8.68 19.71
C LYS C 94 -3.65 8.95 20.34
N PHE C 95 -4.38 9.89 19.77
CA PHE C 95 -5.71 10.26 20.31
C PHE C 95 -6.68 9.08 20.25
N PRO C 96 -7.25 8.71 21.40
CA PRO C 96 -8.14 7.57 21.44
C PRO C 96 -9.48 7.73 20.72
N LYS C 97 -9.67 8.80 19.97
CA LYS C 97 -10.93 8.95 19.25
C LYS C 97 -10.63 9.16 17.76
N PRO C 98 -11.53 8.81 16.88
CA PRO C 98 -11.21 9.03 15.49
C PRO C 98 -11.23 10.51 15.21
N ILE C 99 -10.32 10.93 14.32
CA ILE C 99 -10.17 12.34 13.90
C ILE C 99 -10.26 12.42 12.38
N ILE C 100 -11.29 13.09 11.91
CA ILE C 100 -11.53 13.26 10.50
C ILE C 100 -11.16 14.63 10.08
N SER C 101 -10.34 14.73 9.03
CA SER C 101 -9.96 16.02 8.49
C SER C 101 -11.01 16.34 7.41
N MET C 102 -11.74 17.44 7.61
CA MET C 102 -12.79 17.86 6.64
C MET C 102 -12.20 19.04 5.89
N VAL C 103 -11.75 18.77 4.69
CA VAL C 103 -11.07 19.74 3.91
C VAL C 103 -11.79 20.54 2.87
N GLU C 104 -11.61 21.84 3.01
CA GLU C 104 -12.13 22.83 2.10
C GLU C 104 -10.99 23.80 1.85
N GLY C 105 -10.63 24.02 0.57
CA GLY C 105 -9.55 24.92 0.25
C GLY C 105 -8.25 24.20 -0.11
N SER C 106 -7.20 24.98 -0.31
CA SER C 106 -5.90 24.46 -0.66
C SER C 106 -5.11 24.04 0.57
N VAL C 107 -4.41 22.88 0.45
CA VAL C 107 -3.57 22.31 1.53
C VAL C 107 -2.12 22.33 1.12
N TRP C 108 -1.26 22.88 2.00
CA TRP C 108 0.17 23.03 1.74
C TRP C 108 1.13 22.59 2.81
N GLY C 109 2.20 21.96 2.34
CA GLY C 109 3.30 21.49 3.19
C GLY C 109 2.96 20.71 4.46
N GLY C 110 3.36 21.30 5.61
CA GLY C 110 3.15 20.71 6.93
C GLY C 110 1.68 20.35 7.18
N ALA C 111 0.78 21.16 6.58
CA ALA C 111 -0.64 20.95 6.71
C ALA C 111 -1.04 19.64 6.04
N PHE C 112 -0.38 19.32 4.94
CA PHE C 112 -0.70 18.08 4.25
C PHE C 112 -0.33 16.87 5.17
N GLU C 113 0.86 16.93 5.78
CA GLU C 113 1.29 15.86 6.69
C GLU C 113 0.32 15.76 7.83
N MET C 114 -0.11 16.92 8.31
CA MET C 114 -1.05 16.97 9.42
C MET C 114 -2.34 16.20 9.12
N ILE C 115 -2.98 16.54 7.98
CA ILE C 115 -4.20 15.83 7.62
C ILE C 115 -3.88 14.37 7.30
N MET C 116 -2.69 14.10 6.77
CA MET C 116 -2.36 12.70 6.47
C MET C 116 -2.30 11.88 7.76
N SER C 117 -1.84 12.51 8.83
CA SER C 117 -1.71 11.85 10.11
C SER C 117 -3.05 11.52 10.74
N SER C 118 -4.12 12.22 10.29
CA SER C 118 -5.49 12.02 10.81
C SER C 118 -6.08 10.67 10.32
N ASP C 119 -7.23 10.25 10.89
CA ASP C 119 -7.85 8.96 10.52
C ASP C 119 -8.55 8.84 9.17
N LEU C 120 -9.30 9.87 8.83
CA LEU C 120 -10.03 9.96 7.57
C LEU C 120 -9.95 11.39 7.06
N ILE C 121 -10.01 11.53 5.74
CA ILE C 121 -9.99 12.86 5.08
C ILE C 121 -11.16 12.90 4.11
N ILE C 122 -12.05 13.90 4.30
CA ILE C 122 -13.20 14.08 3.43
C ILE C 122 -13.01 15.46 2.87
N ALA C 123 -13.01 15.64 1.54
CA ALA C 123 -12.75 16.99 1.02
C ALA C 123 -13.70 17.46 -0.05
N ALA C 124 -13.73 18.79 -0.22
CA ALA C 124 -14.57 19.40 -1.24
C ALA C 124 -13.97 19.08 -2.59
N SER C 125 -14.83 18.98 -3.58
CA SER C 125 -14.44 18.66 -4.93
C SER C 125 -13.44 19.66 -5.51
N THR C 126 -13.35 20.82 -4.86
CA THR C 126 -12.45 21.88 -5.31
C THR C 126 -11.17 22.02 -4.52
N SER C 127 -11.00 21.23 -3.50
CA SER C 127 -9.80 21.35 -2.72
C SER C 127 -8.59 20.84 -3.50
N THR C 128 -7.40 21.32 -3.09
CA THR C 128 -6.14 20.93 -3.71
C THR C 128 -5.10 20.65 -2.66
N PHE C 129 -4.10 19.80 -3.02
CA PHE C 129 -3.05 19.41 -2.07
C PHE C 129 -1.60 19.43 -2.65
N SER C 130 -0.66 19.91 -1.82
CA SER C 130 0.74 19.95 -2.25
C SER C 130 1.70 19.65 -1.11
N MET C 131 2.72 18.67 -1.31
CA MET C 131 3.89 18.67 -0.38
C MET C 131 5.03 19.42 -0.95
N THR C 132 5.41 20.37 -0.21
CA THR C 132 6.43 21.30 -0.71
C THR C 132 7.86 21.45 -0.16
N PRO C 133 8.35 20.51 0.68
CA PRO C 133 9.69 20.66 1.21
C PRO C 133 10.78 20.87 0.14
N VAL C 134 10.60 20.29 -1.04
CA VAL C 134 11.64 20.49 -2.07
C VAL C 134 11.70 21.94 -2.62
N ASN C 135 10.67 22.71 -2.32
CA ASN C 135 10.61 24.10 -2.78
C ASN C 135 11.60 24.98 -1.99
N LEU C 136 11.77 24.64 -0.71
CA LEU C 136 12.65 25.37 0.21
C LEU C 136 13.98 24.72 0.53
N GLY C 137 14.18 23.48 0.07
CA GLY C 137 15.45 22.76 0.33
C GLY C 137 15.47 22.10 1.72
N VAL C 138 14.27 21.79 2.26
CA VAL C 138 14.12 21.18 3.59
C VAL C 138 14.36 19.67 3.66
N PRO C 139 15.23 19.26 4.57
CA PRO C 139 15.49 17.87 4.71
C PRO C 139 14.46 17.31 5.64
N TYR C 140 13.36 16.89 5.09
CA TYR C 140 12.29 16.33 5.89
C TYR C 140 12.81 15.18 6.75
N ASN C 141 12.23 15.03 7.93
CA ASN C 141 12.61 13.99 8.88
C ASN C 141 11.96 12.64 8.59
N LEU C 142 12.63 11.55 9.01
CA LEU C 142 12.12 10.18 8.76
C LEU C 142 10.67 9.98 9.19
N VAL C 143 10.34 10.38 10.44
CA VAL C 143 8.98 10.20 10.92
C VAL C 143 7.98 10.93 10.00
N GLY C 144 8.33 12.16 9.64
CA GLY C 144 7.45 12.95 8.78
C GLY C 144 7.17 12.27 7.44
N ILE C 145 8.23 11.77 6.81
CA ILE C 145 8.11 11.11 5.54
C ILE C 145 7.28 9.84 5.70
N HIS C 146 7.56 9.10 6.79
CA HIS C 146 6.84 7.86 7.06
C HIS C 146 5.33 8.09 7.06
N ASN C 147 4.93 9.21 7.66
CA ASN C 147 3.52 9.61 7.76
C ASN C 147 2.88 9.78 6.43
N LEU C 148 3.68 9.98 5.38
CA LEU C 148 3.12 10.19 4.05
C LEU C 148 3.13 8.96 3.19
N THR C 149 3.49 7.80 3.74
CA THR C 149 3.57 6.57 2.91
C THR C 149 2.56 5.50 3.16
N ARG C 150 1.50 5.78 3.93
CA ARG C 150 0.50 4.73 4.23
C ARG C 150 -0.77 4.70 3.43
N ASP C 151 -0.92 5.63 2.51
CA ASP C 151 -2.13 5.68 1.72
C ASP C 151 -1.91 5.46 0.22
N ALA C 152 -1.09 6.29 -0.41
CA ALA C 152 -0.81 6.12 -1.83
C ALA C 152 0.53 5.35 -2.00
N GLY C 153 0.71 4.71 -3.17
CA GLY C 153 1.94 3.96 -3.47
C GLY C 153 3.23 4.84 -3.50
N PHE C 154 4.36 4.15 -3.51
CA PHE C 154 5.69 4.78 -3.50
C PHE C 154 5.93 5.71 -4.70
N HIS C 155 5.68 5.19 -5.89
CA HIS C 155 5.88 6.00 -7.10
C HIS C 155 5.04 7.27 -7.03
N ILE C 156 3.80 7.13 -6.56
CA ILE C 156 2.95 8.31 -6.47
C ILE C 156 3.53 9.34 -5.44
N VAL C 157 3.86 8.86 -4.26
CA VAL C 157 4.40 9.73 -3.23
C VAL C 157 5.62 10.45 -3.72
N LYS C 158 6.47 9.73 -4.43
CA LYS C 158 7.68 10.34 -4.94
C LYS C 158 7.39 11.48 -5.91
N GLU C 159 6.34 11.29 -6.73
CA GLU C 159 5.96 12.31 -7.68
C GLU C 159 5.48 13.51 -6.94
N LEU C 160 4.66 13.26 -5.92
CA LEU C 160 4.10 14.35 -5.11
C LEU C 160 5.16 15.21 -4.50
N ILE C 161 6.09 14.52 -3.90
CA ILE C 161 7.15 15.17 -3.22
C ILE C 161 8.22 15.79 -4.10
N PHE C 162 8.63 15.08 -5.14
CA PHE C 162 9.69 15.57 -6.03
C PHE C 162 9.26 16.78 -6.88
N THR C 163 7.99 16.81 -7.29
CA THR C 163 7.45 17.90 -8.12
C THR C 163 6.91 19.07 -7.30
N ALA C 164 6.39 18.76 -6.12
CA ALA C 164 5.79 19.72 -5.23
C ALA C 164 4.60 20.33 -5.93
N SER C 165 4.13 19.64 -6.98
CA SER C 165 2.98 20.08 -7.80
C SER C 165 1.66 19.79 -7.10
N PRO C 166 0.67 20.63 -7.29
CA PRO C 166 -0.61 20.35 -6.63
C PRO C 166 -1.39 19.28 -7.34
N ILE C 167 -2.21 18.56 -6.59
CA ILE C 167 -3.04 17.55 -7.20
C ILE C 167 -4.48 17.91 -6.87
N THR C 168 -5.40 17.43 -7.69
CA THR C 168 -6.81 17.73 -7.42
C THR C 168 -7.37 16.79 -6.40
N ALA C 169 -8.56 17.12 -5.91
CA ALA C 169 -9.22 16.26 -4.95
C ALA C 169 -9.54 14.95 -5.66
N GLN C 170 -9.90 15.04 -6.95
CA GLN C 170 -10.18 13.79 -7.63
C GLN C 170 -8.97 12.85 -7.79
N ARG C 171 -7.79 13.42 -7.95
CA ARG C 171 -6.64 12.55 -8.08
C ARG C 171 -6.26 12.02 -6.70
N ALA C 172 -6.36 12.89 -5.72
CA ALA C 172 -6.06 12.50 -4.36
C ALA C 172 -6.93 11.30 -3.95
N LEU C 173 -8.18 11.29 -4.40
CA LEU C 173 -9.08 10.22 -4.10
C LEU C 173 -8.68 8.98 -4.84
N ALA C 174 -8.39 9.15 -6.11
CA ALA C 174 -7.99 8.05 -6.93
C ALA C 174 -6.73 7.34 -6.44
N VAL C 175 -5.78 8.06 -5.88
CA VAL C 175 -4.54 7.42 -5.44
C VAL C 175 -4.60 6.85 -4.03
N GLY C 176 -5.68 7.07 -3.33
CA GLY C 176 -5.79 6.52 -2.01
C GLY C 176 -5.62 7.48 -0.87
N ILE C 177 -5.33 8.71 -1.17
CA ILE C 177 -5.15 9.63 -0.07
C ILE C 177 -6.44 10.02 0.66
N LEU C 178 -7.48 10.27 -0.11
CA LEU C 178 -8.80 10.71 0.40
C LEU C 178 -9.80 9.61 0.56
N ASN C 179 -10.71 9.77 1.53
CA ASN C 179 -11.79 8.77 1.74
C ASN C 179 -12.95 9.07 0.80
N HIS C 180 -13.32 10.33 0.79
CA HIS C 180 -14.41 10.80 -0.02
C HIS C 180 -14.23 12.24 -0.49
N VAL C 181 -14.79 12.51 -1.69
CA VAL C 181 -14.80 13.86 -2.28
C VAL C 181 -16.28 14.25 -2.51
N VAL C 182 -16.66 15.42 -2.11
CA VAL C 182 -18.03 15.86 -2.27
C VAL C 182 -18.16 17.32 -2.65
N GLU C 183 -19.33 17.63 -3.23
CA GLU C 183 -19.61 19.00 -3.60
C GLU C 183 -19.51 19.83 -2.34
N VAL C 184 -18.97 21.00 -2.45
CA VAL C 184 -18.81 21.83 -1.27
C VAL C 184 -20.08 22.05 -0.45
N GLU C 185 -21.19 22.16 -1.13
CA GLU C 185 -22.45 22.39 -0.42
C GLU C 185 -22.84 21.24 0.47
N GLU C 186 -22.37 20.07 0.14
CA GLU C 186 -22.72 18.91 0.90
C GLU C 186 -21.67 18.44 1.88
N LEU C 187 -20.52 19.06 1.83
CA LEU C 187 -19.41 18.70 2.67
C LEU C 187 -19.71 18.56 4.17
N GLU C 188 -20.19 19.59 4.75
CA GLU C 188 -20.47 19.60 6.16
C GLU C 188 -21.44 18.50 6.60
N ASP C 189 -22.57 18.44 5.95
CA ASP C 189 -23.52 17.43 6.33
C ASP C 189 -23.00 16.02 6.12
N PHE C 190 -22.31 15.77 5.02
CA PHE C 190 -21.80 14.43 4.76
C PHE C 190 -20.86 13.98 5.87
N THR C 191 -20.01 14.92 6.30
CA THR C 191 -19.03 14.66 7.33
C THR C 191 -19.65 14.45 8.68
N LEU C 192 -20.59 15.32 9.01
CA LEU C 192 -21.25 15.19 10.32
C LEU C 192 -21.99 13.86 10.43
N GLN C 193 -22.71 13.49 9.38
CA GLN C 193 -23.42 12.25 9.42
C GLN C 193 -22.50 11.07 9.62
N MET C 194 -21.35 11.07 8.96
CA MET C 194 -20.44 9.98 9.13
C MET C 194 -19.91 9.97 10.57
N ALA C 195 -19.64 11.17 11.10
CA ALA C 195 -19.13 11.30 12.46
C ALA C 195 -20.15 10.77 13.51
N HIS C 196 -21.42 11.15 13.32
CA HIS C 196 -22.46 10.71 14.23
C HIS C 196 -22.58 9.17 14.20
N HIS C 197 -22.48 8.61 13.03
CA HIS C 197 -22.58 7.16 12.86
C HIS C 197 -21.43 6.47 13.61
N ILE C 198 -20.21 6.94 13.40
CA ILE C 198 -19.07 6.34 14.11
C ILE C 198 -19.31 6.43 15.63
N SER C 199 -19.93 7.54 16.06
CA SER C 199 -20.22 7.77 17.48
C SER C 199 -21.17 6.76 18.13
N GLU C 200 -21.86 5.98 17.30
CA GLU C 200 -22.76 4.96 17.85
C GLU C 200 -21.98 3.67 18.11
N LYS C 201 -20.75 3.60 17.57
CA LYS C 201 -19.92 2.38 17.72
C LYS C 201 -19.20 2.29 19.06
N ALA C 202 -18.62 1.09 19.39
CA ALA C 202 -17.92 0.89 20.68
C ALA C 202 -16.64 1.68 20.74
N PRO C 203 -16.61 2.71 21.58
CA PRO C 203 -15.43 3.56 21.66
C PRO C 203 -14.17 2.85 22.09
N LEU C 204 -14.28 1.93 23.03
CA LEU C 204 -13.06 1.26 23.49
C LEU C 204 -12.45 0.42 22.43
N ALA C 205 -13.32 -0.21 21.63
CA ALA C 205 -12.85 -1.04 20.56
C ALA C 205 -12.18 -0.16 19.49
N ILE C 206 -12.81 0.95 19.21
CA ILE C 206 -12.26 1.86 18.22
C ILE C 206 -10.88 2.30 18.68
N ALA C 207 -10.80 2.69 19.95
CA ALA C 207 -9.55 3.13 20.52
C ALA C 207 -8.40 2.13 20.38
N VAL C 208 -8.65 0.89 20.77
CA VAL C 208 -7.58 -0.11 20.69
C VAL C 208 -7.20 -0.46 19.25
N ILE C 209 -8.20 -0.51 18.37
CA ILE C 209 -7.89 -0.83 17.00
C ILE C 209 -7.07 0.27 16.38
N LYS C 210 -7.45 1.54 16.70
CA LYS C 210 -6.70 2.70 16.17
C LYS C 210 -5.24 2.62 16.59
N GLU C 211 -5.02 2.29 17.88
CA GLU C 211 -3.69 2.15 18.46
C GLU C 211 -2.90 0.99 17.85
N GLU C 212 -3.58 -0.13 17.60
CA GLU C 212 -2.95 -1.29 16.96
C GLU C 212 -2.49 -0.86 15.59
N LEU C 213 -3.37 -0.14 14.86
CA LEU C 213 -3.00 0.34 13.54
C LEU C 213 -1.83 1.25 13.62
N ARG C 214 -1.85 2.12 14.62
CA ARG C 214 -0.74 3.07 14.82
C ARG C 214 0.60 2.35 15.01
N VAL C 215 0.60 1.37 15.88
CA VAL C 215 1.82 0.60 16.16
C VAL C 215 2.28 -0.20 14.93
N LEU C 216 1.36 -0.79 14.21
CA LEU C 216 1.74 -1.53 13.02
C LEU C 216 2.33 -0.58 12.00
N GLY C 217 1.72 0.56 11.89
CA GLY C 217 2.13 1.56 10.94
C GLY C 217 3.52 2.07 11.19
N GLU C 218 3.91 2.10 12.44
CA GLU C 218 5.26 2.60 12.75
C GLU C 218 6.32 1.54 12.72
N ALA C 219 5.87 0.29 12.72
CA ALA C 219 6.75 -0.85 12.77
C ALA C 219 7.69 -1.16 11.62
N HIS C 220 8.38 -0.15 11.15
CA HIS C 220 9.39 -0.33 10.10
C HIS C 220 10.63 -0.06 10.88
N THR C 221 11.33 -1.10 11.27
CA THR C 221 12.48 -0.89 12.13
C THR C 221 13.83 -0.96 11.44
N MET C 222 14.78 -0.29 12.06
CA MET C 222 16.13 -0.27 11.51
C MET C 222 17.17 -0.14 12.62
N ASN C 223 18.46 -0.35 12.30
CA ASN C 223 19.47 -0.26 13.34
C ASN C 223 19.94 1.14 13.58
N SER C 224 20.62 1.34 14.70
CA SER C 224 21.12 2.69 15.08
C SER C 224 21.98 3.32 14.02
N ASP C 225 22.83 2.52 13.39
CA ASP C 225 23.73 3.04 12.35
C ASP C 225 22.98 3.67 11.19
N GLU C 226 21.96 3.00 10.73
CA GLU C 226 21.15 3.51 9.62
C GLU C 226 20.55 4.85 9.98
N PHE C 227 20.01 4.91 11.19
CA PHE C 227 19.39 6.13 11.66
C PHE C 227 20.39 7.27 11.71
N GLU C 228 21.56 6.98 12.29
CA GLU C 228 22.57 7.98 12.41
C GLU C 228 23.06 8.43 11.05
N ARG C 229 23.08 7.49 10.11
CA ARG C 229 23.51 7.76 8.76
C ARG C 229 22.56 8.73 8.07
N ILE C 230 21.26 8.55 8.25
CA ILE C 230 20.30 9.47 7.64
C ILE C 230 20.41 10.88 8.29
N GLN C 231 20.60 10.86 9.59
CA GLN C 231 20.72 12.04 10.40
C GLN C 231 21.88 12.85 9.87
N GLY C 232 22.97 12.14 9.54
CA GLY C 232 24.18 12.78 8.96
C GLY C 232 23.82 13.42 7.60
N MET C 233 23.10 12.70 6.78
CA MET C 233 22.71 13.25 5.52
C MET C 233 21.88 14.51 5.75
N ARG C 234 20.91 14.42 6.66
CA ARG C 234 20.05 15.58 6.93
C ARG C 234 20.85 16.79 7.36
N ARG C 235 21.80 16.55 8.21
CA ARG C 235 22.59 17.64 8.68
C ARG C 235 23.32 18.31 7.55
N ALA C 236 23.79 17.48 6.61
CA ALA C 236 24.49 17.99 5.46
C ALA C 236 23.58 18.95 4.71
N VAL C 237 22.31 18.61 4.64
CA VAL C 237 21.35 19.47 3.94
C VAL C 237 21.15 20.80 4.66
N TYR C 238 20.98 20.75 5.93
CA TYR C 238 20.77 21.96 6.71
C TYR C 238 21.97 22.89 6.67
N ASP C 239 23.11 22.33 6.39
CA ASP C 239 24.34 23.08 6.32
C ASP C 239 24.70 23.52 4.94
N SER C 240 23.83 23.25 4.00
CA SER C 240 24.13 23.62 2.64
C SER C 240 23.72 25.03 2.24
N GLU C 241 24.36 25.47 1.14
CA GLU C 241 24.13 26.77 0.54
C GLU C 241 22.71 26.78 0.01
N ASP C 242 22.36 25.68 -0.61
CA ASP C 242 21.05 25.53 -1.17
C ASP C 242 19.99 25.77 -0.08
N TYR C 243 20.29 25.32 1.14
CA TYR C 243 19.36 25.50 2.23
C TYR C 243 19.13 27.00 2.51
N GLN C 244 20.20 27.74 2.56
CA GLN C 244 20.13 29.16 2.78
C GLN C 244 19.37 29.84 1.67
N GLU C 245 19.69 29.43 0.46
CA GLU C 245 19.06 29.98 -0.70
C GLU C 245 17.57 29.76 -0.68
N GLY C 246 17.17 28.61 -0.18
CA GLY C 246 15.76 28.26 -0.10
C GLY C 246 14.96 29.15 0.86
N MET C 247 15.46 29.32 2.09
CA MET C 247 14.78 30.13 3.10
C MET C 247 14.62 31.54 2.59
N ASN C 248 15.75 32.03 2.05
CA ASN C 248 15.91 33.35 1.47
C ASN C 248 14.87 33.67 0.44
N ALA C 249 14.94 32.93 -0.66
CA ALA C 249 14.02 33.13 -1.75
C ALA C 249 12.57 33.22 -1.29
N PHE C 250 12.17 32.33 -0.32
CA PHE C 250 10.78 32.32 0.22
C PHE C 250 10.42 33.67 0.78
N LEU C 251 11.29 34.15 1.64
CA LEU C 251 11.19 35.42 2.31
C LEU C 251 11.16 36.53 1.29
N GLU C 252 12.21 36.52 0.46
CA GLU C 252 12.41 37.48 -0.60
C GLU C 252 11.41 37.31 -1.74
N LYS C 253 10.45 36.40 -1.54
CA LYS C 253 9.40 36.11 -2.53
C LYS C 253 9.88 36.12 -3.98
N ARG C 254 10.85 35.24 -4.21
CA ARG C 254 11.47 35.04 -5.51
C ARG C 254 11.82 33.59 -5.67
N LYS C 255 12.02 33.17 -6.92
CA LYS C 255 12.37 31.80 -7.28
C LYS C 255 13.81 31.50 -6.85
N PRO C 256 14.03 30.39 -6.13
CA PRO C 256 15.38 30.08 -5.70
C PRO C 256 16.21 29.52 -6.84
N ASN C 257 17.51 29.61 -6.70
CA ASN C 257 18.42 29.10 -7.69
C ASN C 257 19.22 28.02 -7.02
N PHE C 258 18.80 26.76 -7.14
CA PHE C 258 19.52 25.68 -6.46
C PHE C 258 20.70 25.23 -7.25
N VAL C 259 21.77 24.92 -6.53
CA VAL C 259 22.97 24.48 -7.21
C VAL C 259 23.55 23.12 -6.78
N GLY C 260 23.02 22.50 -5.77
CA GLY C 260 23.55 21.18 -5.35
C GLY C 260 24.64 21.23 -4.32
N HIS C 261 24.75 22.36 -3.63
CA HIS C 261 25.74 22.55 -2.59
C HIS C 261 25.14 23.39 -1.54
NI NI D . 5.54 -2.20 5.93
#